data_9NVH
#
_entry.id   9NVH
#
_entity_poly.entity_id   1
_entity_poly.type   'polypeptide(L)'
_entity_poly.pdbx_seq_one_letter_code
;GGSCRTEGMSCEENQQCCWRSCCRGECEAPCRFGP
;
_entity_poly.pdbx_strand_id   A
#
# COMPACT_ATOMS: atom_id res chain seq x y z
N GLY A 1 -2.99 -2.50 13.50
CA GLY A 1 -2.11 -2.95 14.59
C GLY A 1 -0.80 -3.50 14.08
N GLY A 2 0.23 -3.43 14.91
CA GLY A 2 1.55 -4.02 14.63
C GLY A 2 2.38 -3.29 13.58
N SER A 3 3.36 -3.99 13.01
CA SER A 3 4.33 -3.47 12.05
C SER A 3 3.74 -3.11 10.68
N CYS A 4 4.31 -2.11 10.01
CA CYS A 4 3.89 -1.67 8.68
C CYS A 4 4.12 -2.75 7.59
N ARG A 5 3.41 -2.61 6.47
CA ARG A 5 3.58 -3.42 5.26
C ARG A 5 4.64 -2.80 4.33
N THR A 6 5.61 -3.60 3.87
CA THR A 6 6.67 -3.22 2.92
C THR A 6 6.16 -3.29 1.46
N GLU A 7 6.99 -2.91 0.47
CA GLU A 7 6.61 -2.96 -0.95
C GLU A 7 6.15 -4.36 -1.39
N GLY A 8 5.01 -4.42 -2.10
CA GLY A 8 4.43 -5.67 -2.63
C GLY A 8 3.67 -6.53 -1.61
N MET A 9 3.72 -6.21 -0.31
CA MET A 9 2.88 -6.80 0.74
C MET A 9 1.43 -6.31 0.64
N SER A 10 0.46 -7.11 1.12
CA SER A 10 -0.97 -6.82 1.03
C SER A 10 -1.49 -5.83 2.07
N CYS A 11 -2.43 -4.99 1.62
CA CYS A 11 -2.91 -3.80 2.33
C CYS A 11 -4.26 -3.27 1.79
N GLU A 12 -4.76 -2.21 2.44
CA GLU A 12 -5.92 -1.41 2.02
C GLU A 12 -5.59 0.05 1.66
N GLU A 13 -4.46 0.61 2.12
CA GLU A 13 -4.11 2.02 1.91
C GLU A 13 -2.68 2.36 2.37
N ASN A 14 -2.24 3.59 2.07
CA ASN A 14 -1.00 4.21 2.55
C ASN A 14 -0.78 4.05 4.07
N GLN A 15 -1.82 4.20 4.90
CA GLN A 15 -1.72 4.24 6.36
C GLN A 15 -1.18 2.95 7.02
N GLN A 16 -1.29 1.77 6.39
CA GLN A 16 -0.57 0.57 6.84
C GLN A 16 0.77 0.33 6.11
N CYS A 17 0.91 0.91 4.91
CA CYS A 17 2.03 0.73 3.99
C CYS A 17 3.18 1.69 4.33
N CYS A 18 4.38 1.18 4.65
CA CYS A 18 5.51 2.02 5.10
C CYS A 18 6.00 3.01 4.03
N TRP A 19 5.63 2.78 2.76
CA TRP A 19 5.86 3.70 1.65
C TRP A 19 5.00 4.97 1.70
N ARG A 20 3.96 5.05 2.56
CA ARG A 20 2.97 6.15 2.57
C ARG A 20 2.47 6.46 1.16
N SER A 21 2.06 5.41 0.44
CA SER A 21 1.75 5.45 -0.98
C SER A 21 0.62 4.49 -1.34
N CYS A 22 -0.02 4.75 -2.49
CA CYS A 22 -1.25 4.11 -2.96
C CYS A 22 -1.24 2.58 -2.89
N CYS A 23 -2.32 1.99 -2.39
CA CYS A 23 -2.51 0.55 -2.35
C CYS A 23 -3.99 0.23 -2.52
N ARG A 24 -4.28 -0.48 -3.60
CA ARG A 24 -5.59 -1.09 -3.91
C ARG A 24 -5.57 -2.63 -3.79
N GLY A 25 -4.49 -3.19 -3.25
CA GLY A 25 -4.33 -4.61 -2.92
C GLY A 25 -2.94 -4.92 -2.37
N GLU A 26 -1.90 -4.30 -2.94
CA GLU A 26 -0.50 -4.38 -2.49
C GLU A 26 0.18 -2.99 -2.45
N CYS A 27 1.18 -2.80 -1.58
CA CYS A 27 1.85 -1.50 -1.40
C CYS A 27 2.56 -1.05 -2.70
N GLU A 28 2.09 0.06 -3.29
CA GLU A 28 2.50 0.53 -4.62
C GLU A 28 2.78 2.05 -4.69
N ALA A 29 3.19 2.52 -5.87
CA ALA A 29 3.37 3.96 -6.16
C ALA A 29 2.34 4.52 -7.18
N PRO A 30 2.18 3.98 -8.41
CA PRO A 30 1.14 4.46 -9.34
C PRO A 30 -0.26 4.03 -8.89
N CYS A 31 -1.15 5.00 -8.67
CA CYS A 31 -2.50 4.85 -8.10
C CYS A 31 -3.55 4.44 -9.15
N ARG A 32 -3.19 3.55 -10.07
CA ARG A 32 -3.99 3.06 -11.18
C ARG A 32 -3.47 1.72 -11.66
N PHE A 33 -4.40 0.86 -12.04
CA PHE A 33 -4.14 -0.40 -12.72
C PHE A 33 -3.78 -0.17 -14.21
N GLY A 34 -2.78 -0.93 -14.68
CA GLY A 34 -2.19 -0.79 -16.01
C GLY A 34 -1.64 0.61 -16.33
N PRO A 35 -1.41 0.92 -17.62
CA PRO A 35 -0.97 2.23 -18.08
C PRO A 35 -1.95 3.38 -17.84
N GLY A 1 3.11 -3.44 19.82
CA GLY A 1 4.09 -2.66 19.04
C GLY A 1 3.54 -2.35 17.66
N GLY A 2 3.76 -1.12 17.18
CA GLY A 2 3.34 -0.69 15.83
C GLY A 2 4.15 -1.36 14.71
N SER A 3 3.59 -1.43 13.51
CA SER A 3 4.22 -2.10 12.35
C SER A 3 3.71 -1.56 11.00
N CYS A 4 4.43 -1.85 9.91
CA CYS A 4 4.14 -1.38 8.55
C CYS A 4 4.39 -2.47 7.49
N ARG A 5 3.57 -2.48 6.43
CA ARG A 5 3.67 -3.42 5.31
C ARG A 5 4.70 -2.96 4.28
N THR A 6 5.64 -3.86 3.97
CA THR A 6 6.77 -3.64 3.05
C THR A 6 6.29 -3.58 1.59
N GLU A 7 7.17 -3.19 0.65
CA GLU A 7 6.81 -3.07 -0.76
C GLU A 7 6.41 -4.42 -1.40
N GLY A 8 5.23 -4.45 -2.03
CA GLY A 8 4.60 -5.67 -2.55
C GLY A 8 3.83 -6.52 -1.52
N MET A 9 3.73 -6.08 -0.25
CA MET A 9 2.89 -6.72 0.78
C MET A 9 1.46 -6.16 0.77
N SER A 10 0.48 -7.00 1.11
CA SER A 10 -0.96 -6.67 0.99
C SER A 10 -1.44 -5.60 1.97
N CYS A 11 -2.40 -4.76 1.54
CA CYS A 11 -2.86 -3.55 2.21
C CYS A 11 -4.24 -3.06 1.72
N GLU A 12 -4.76 -2.05 2.42
CA GLU A 12 -6.02 -1.34 2.15
C GLU A 12 -5.80 0.16 1.82
N GLU A 13 -4.70 0.76 2.27
CA GLU A 13 -4.38 2.19 2.14
C GLU A 13 -2.97 2.52 2.66
N ASN A 14 -2.46 3.68 2.26
CA ASN A 14 -1.16 4.27 2.56
C ASN A 14 -0.73 4.15 4.02
N GLN A 15 -1.62 4.42 4.98
CA GLN A 15 -1.23 4.49 6.40
C GLN A 15 -0.64 3.17 6.93
N GLN A 16 -1.13 2.00 6.49
CA GLN A 16 -0.55 0.71 6.86
C GLN A 16 0.72 0.35 6.04
N CYS A 17 0.86 0.94 4.85
CA CYS A 17 1.93 0.67 3.89
C CYS A 17 3.18 1.52 4.24
N CYS A 18 4.36 0.92 4.35
CA CYS A 18 5.54 1.61 4.89
C CYS A 18 6.06 2.74 3.98
N TRP A 19 5.59 2.77 2.73
CA TRP A 19 5.88 3.82 1.75
C TRP A 19 4.93 5.02 1.84
N ARG A 20 3.82 4.91 2.59
CA ARG A 20 2.70 5.86 2.62
C ARG A 20 2.24 6.25 1.21
N SER A 21 2.05 5.22 0.38
CA SER A 21 1.62 5.32 -1.02
C SER A 21 0.31 4.57 -1.27
N CYS A 22 -0.38 4.98 -2.33
CA CYS A 22 -1.69 4.48 -2.75
C CYS A 22 -1.66 2.97 -2.98
N CYS A 23 -2.72 2.26 -2.58
CA CYS A 23 -2.80 0.83 -2.76
C CYS A 23 -4.26 0.38 -2.91
N ARG A 24 -4.44 -0.64 -3.75
CA ARG A 24 -5.70 -1.31 -4.06
C ARG A 24 -5.60 -2.84 -3.96
N GLY A 25 -4.45 -3.33 -3.49
CA GLY A 25 -4.19 -4.71 -3.11
C GLY A 25 -2.89 -4.90 -2.34
N GLU A 26 -1.80 -4.27 -2.80
CA GLU A 26 -0.40 -4.40 -2.32
C GLU A 26 0.36 -3.07 -2.44
N CYS A 27 1.32 -2.80 -1.54
CA CYS A 27 2.05 -1.52 -1.50
C CYS A 27 2.91 -1.29 -2.76
N GLU A 28 2.64 -0.22 -3.51
CA GLU A 28 3.36 0.13 -4.76
C GLU A 28 3.49 1.66 -4.94
N ALA A 29 4.36 2.10 -5.85
CA ALA A 29 4.45 3.49 -6.32
C ALA A 29 3.37 3.83 -7.38
N PRO A 30 3.10 3.01 -8.42
CA PRO A 30 1.92 3.17 -9.27
C PRO A 30 0.66 2.62 -8.56
N CYS A 31 -0.53 3.08 -8.94
CA CYS A 31 -1.80 2.70 -8.30
C CYS A 31 -2.98 2.59 -9.28
N ARG A 32 -4.00 1.75 -9.02
CA ARG A 32 -5.13 1.54 -9.96
C ARG A 32 -6.06 2.73 -10.17
N PHE A 33 -6.03 3.71 -9.27
CA PHE A 33 -6.81 4.94 -9.39
C PHE A 33 -6.23 5.86 -10.48
N GLY A 34 -7.11 6.38 -11.32
CA GLY A 34 -6.79 7.46 -12.26
C GLY A 34 -6.69 8.83 -11.54
N PRO A 35 -6.22 9.87 -12.24
CA PRO A 35 -6.15 11.23 -11.70
C PRO A 35 -7.55 11.78 -11.36
N GLY A 1 -1.39 -7.54 10.72
CA GLY A 1 -1.43 -7.18 12.14
C GLY A 1 -0.97 -5.76 12.36
N GLY A 2 -0.16 -5.52 13.39
CA GLY A 2 0.31 -4.18 13.78
C GLY A 2 1.53 -3.67 13.00
N SER A 3 2.35 -4.55 12.42
CA SER A 3 3.58 -4.18 11.70
C SER A 3 3.27 -3.44 10.39
N CYS A 4 4.05 -2.42 10.01
CA CYS A 4 3.82 -1.69 8.76
C CYS A 4 4.21 -2.53 7.52
N ARG A 5 3.40 -2.48 6.45
CA ARG A 5 3.56 -3.29 5.23
C ARG A 5 4.62 -2.69 4.29
N THR A 6 5.60 -3.49 3.88
CA THR A 6 6.71 -3.10 3.00
C THR A 6 6.29 -3.18 1.51
N GLU A 7 7.15 -2.80 0.55
CA GLU A 7 6.79 -2.83 -0.88
C GLU A 7 6.33 -4.22 -1.34
N GLY A 8 5.19 -4.27 -2.03
CA GLY A 8 4.59 -5.48 -2.57
C GLY A 8 3.82 -6.35 -1.57
N MET A 9 3.85 -6.05 -0.26
CA MET A 9 2.98 -6.66 0.75
C MET A 9 1.52 -6.20 0.54
N SER A 10 0.55 -7.06 0.90
CA SER A 10 -0.88 -6.74 0.81
C SER A 10 -1.33 -5.68 1.82
N CYS A 11 -2.34 -4.89 1.46
CA CYS A 11 -2.79 -3.70 2.20
C CYS A 11 -4.17 -3.20 1.73
N GLU A 12 -4.67 -2.20 2.45
CA GLU A 12 -5.87 -1.42 2.11
C GLU A 12 -5.59 0.05 1.76
N GLU A 13 -4.43 0.64 2.13
CA GLU A 13 -3.97 1.99 1.74
C GLU A 13 -2.61 2.34 2.39
N ASN A 14 -2.11 3.54 2.07
CA ASN A 14 -0.90 4.20 2.58
C ASN A 14 -0.74 4.16 4.11
N GLN A 15 -1.83 4.18 4.88
CA GLN A 15 -1.78 4.25 6.35
C GLN A 15 -1.25 3.00 7.05
N GLN A 16 -1.27 1.81 6.42
CA GLN A 16 -0.55 0.62 6.90
C GLN A 16 0.77 0.40 6.15
N CYS A 17 0.82 0.84 4.89
CA CYS A 17 1.97 0.69 4.00
C CYS A 17 3.09 1.65 4.45
N CYS A 18 4.21 1.10 4.94
CA CYS A 18 5.31 1.89 5.53
C CYS A 18 5.96 2.86 4.53
N TRP A 19 5.76 2.59 3.22
CA TRP A 19 6.22 3.39 2.09
C TRP A 19 5.27 4.55 1.73
N ARG A 20 4.17 4.74 2.48
CA ARG A 20 3.19 5.83 2.30
C ARG A 20 2.50 5.81 0.92
N SER A 21 2.44 4.65 0.27
CA SER A 21 1.98 4.48 -1.10
C SER A 21 0.50 4.11 -1.23
N CYS A 22 -0.14 4.65 -2.27
CA CYS A 22 -1.53 4.38 -2.63
C CYS A 22 -1.69 2.91 -3.02
N CYS A 23 -2.68 2.23 -2.44
CA CYS A 23 -2.82 0.79 -2.56
C CYS A 23 -4.29 0.39 -2.59
N ARG A 24 -4.63 -0.49 -3.53
CA ARG A 24 -5.95 -1.14 -3.67
C ARG A 24 -5.81 -2.67 -3.77
N GLY A 25 -4.73 -3.19 -3.18
CA GLY A 25 -4.41 -4.62 -3.05
C GLY A 25 -3.03 -4.83 -2.42
N GLU A 26 -2.00 -4.21 -3.00
CA GLU A 26 -0.59 -4.27 -2.58
C GLU A 26 0.11 -2.90 -2.61
N CYS A 27 1.12 -2.68 -1.75
CA CYS A 27 1.81 -1.37 -1.61
C CYS A 27 2.60 -1.05 -2.90
N GLU A 28 2.13 -0.11 -3.73
CA GLU A 28 2.69 0.17 -5.08
C GLU A 28 2.70 1.66 -5.47
N ALA A 29 3.62 2.07 -6.37
CA ALA A 29 3.81 3.47 -6.76
C ALA A 29 2.67 4.04 -7.65
N PRO A 30 2.29 3.43 -8.80
CA PRO A 30 1.10 3.84 -9.56
C PRO A 30 -0.20 3.31 -8.93
N CYS A 31 -1.30 4.05 -9.11
CA CYS A 31 -2.59 3.80 -8.45
C CYS A 31 -3.79 4.38 -9.26
N ARG A 32 -3.73 4.33 -10.60
CA ARG A 32 -4.66 4.99 -11.54
C ARG A 32 -5.89 4.13 -11.90
N PHE A 33 -6.43 3.41 -10.93
CA PHE A 33 -7.47 2.39 -11.13
C PHE A 33 -8.87 2.95 -11.44
N GLY A 34 -9.76 2.09 -11.93
CA GLY A 34 -11.19 2.36 -12.12
C GLY A 34 -11.53 3.28 -13.31
N PRO A 35 -12.78 3.80 -13.37
CA PRO A 35 -13.18 4.86 -14.31
C PRO A 35 -12.54 6.22 -13.98
N GLY A 1 -1.26 -6.59 13.20
CA GLY A 1 -0.92 -5.78 14.37
C GLY A 1 -0.39 -4.40 13.97
N GLY A 2 0.41 -3.79 14.83
CA GLY A 2 0.97 -2.44 14.65
C GLY A 2 2.13 -2.31 13.66
N SER A 3 2.55 -3.39 12.99
CA SER A 3 3.66 -3.35 12.02
C SER A 3 3.23 -2.91 10.62
N CYS A 4 3.99 -1.99 10.00
CA CYS A 4 3.73 -1.54 8.63
C CYS A 4 3.94 -2.67 7.60
N ARG A 5 3.38 -2.50 6.40
CA ARG A 5 3.51 -3.41 5.24
C ARG A 5 4.55 -2.89 4.23
N THR A 6 5.43 -3.78 3.76
CA THR A 6 6.58 -3.47 2.88
C THR A 6 6.17 -3.46 1.40
N GLU A 7 7.06 -3.07 0.48
CA GLU A 7 6.81 -3.15 -0.97
C GLU A 7 6.32 -4.55 -1.42
N GLY A 8 5.16 -4.60 -2.07
CA GLY A 8 4.53 -5.84 -2.55
C GLY A 8 3.75 -6.65 -1.51
N MET A 9 3.83 -6.31 -0.22
CA MET A 9 2.93 -6.88 0.80
C MET A 9 1.50 -6.36 0.60
N SER A 10 0.51 -7.17 1.02
CA SER A 10 -0.90 -6.80 0.97
C SER A 10 -1.24 -5.61 1.87
N CYS A 11 -2.26 -4.84 1.49
CA CYS A 11 -2.72 -3.66 2.22
C CYS A 11 -4.12 -3.24 1.76
N GLU A 12 -4.68 -2.28 2.49
CA GLU A 12 -5.91 -1.57 2.13
C GLU A 12 -5.60 -0.15 1.60
N GLU A 13 -4.57 0.52 2.16
CA GLU A 13 -4.28 1.95 1.95
C GLU A 13 -2.92 2.37 2.54
N ASN A 14 -2.43 3.54 2.14
CA ASN A 14 -1.20 4.22 2.58
C ASN A 14 -0.92 4.16 4.10
N GLN A 15 -1.96 4.26 4.93
CA GLN A 15 -1.83 4.34 6.39
C GLN A 15 -1.10 3.14 7.01
N GLN A 16 -1.25 1.93 6.45
CA GLN A 16 -0.51 0.74 6.89
C GLN A 16 0.78 0.47 6.09
N CYS A 17 0.88 1.03 4.88
CA CYS A 17 1.95 0.79 3.94
C CYS A 17 3.16 1.66 4.30
N CYS A 18 4.33 1.07 4.51
CA CYS A 18 5.55 1.80 4.93
C CYS A 18 6.06 2.77 3.84
N TRP A 19 5.52 2.67 2.62
CA TRP A 19 5.70 3.61 1.51
C TRP A 19 4.84 4.88 1.62
N ARG A 20 3.84 4.94 2.52
CA ARG A 20 2.85 6.03 2.65
C ARG A 20 2.32 6.49 1.28
N SER A 21 1.96 5.52 0.44
CA SER A 21 1.65 5.72 -0.98
C SER A 21 0.56 4.77 -1.45
N CYS A 22 -0.08 5.09 -2.57
CA CYS A 22 -1.26 4.40 -3.09
C CYS A 22 -1.04 2.89 -3.23
N CYS A 23 -2.02 2.14 -2.76
CA CYS A 23 -1.96 0.69 -2.63
C CYS A 23 -3.19 0.08 -3.32
N ARG A 24 -2.91 -0.83 -4.25
CA ARG A 24 -3.89 -1.48 -5.15
C ARG A 24 -4.15 -2.94 -4.73
N GLY A 25 -4.43 -3.10 -3.43
CA GLY A 25 -4.46 -4.38 -2.71
C GLY A 25 -3.07 -4.79 -2.19
N GLU A 26 -1.99 -4.14 -2.69
CA GLU A 26 -0.60 -4.30 -2.26
C GLU A 26 0.18 -2.97 -2.36
N CYS A 27 1.22 -2.79 -1.54
CA CYS A 27 1.92 -1.50 -1.39
C CYS A 27 2.71 -1.09 -2.65
N GLU A 28 2.28 -0.02 -3.32
CA GLU A 28 2.89 0.52 -4.55
C GLU A 28 2.89 2.07 -4.46
N ALA A 29 2.86 2.78 -5.60
CA ALA A 29 2.65 4.22 -5.69
C ALA A 29 1.74 4.63 -6.87
N PRO A 30 1.89 4.08 -8.10
CA PRO A 30 0.90 4.26 -9.16
C PRO A 30 -0.28 3.29 -9.02
N CYS A 31 -1.47 3.73 -9.40
CA CYS A 31 -2.74 3.02 -9.22
C CYS A 31 -3.64 3.22 -10.46
N ARG A 32 -3.37 2.47 -11.55
CA ARG A 32 -4.05 2.61 -12.86
C ARG A 32 -4.61 1.31 -13.45
N PHE A 33 -4.57 0.21 -12.70
CA PHE A 33 -5.16 -1.06 -13.11
C PHE A 33 -6.70 -0.99 -13.11
N GLY A 34 -7.33 -1.56 -14.13
CA GLY A 34 -8.79 -1.51 -14.30
C GLY A 34 -9.32 -0.14 -14.77
N PRO A 35 -10.64 0.12 -14.64
CA PRO A 35 -11.36 1.26 -15.23
C PRO A 35 -10.76 2.65 -15.03
N GLY A 1 0.23 -2.15 18.81
CA GLY A 1 0.11 -1.65 17.43
C GLY A 1 0.88 -2.53 16.47
N GLY A 2 0.32 -2.83 15.30
CA GLY A 2 0.94 -3.70 14.31
C GLY A 2 2.08 -3.04 13.51
N SER A 3 2.94 -3.86 12.92
CA SER A 3 4.01 -3.44 12.02
C SER A 3 3.48 -3.05 10.63
N CYS A 4 4.15 -2.09 9.98
CA CYS A 4 3.80 -1.65 8.63
C CYS A 4 3.97 -2.79 7.60
N ARG A 5 3.40 -2.60 6.41
CA ARG A 5 3.53 -3.50 5.26
C ARG A 5 4.63 -2.97 4.32
N THR A 6 5.56 -3.84 3.93
CA THR A 6 6.71 -3.55 3.04
C THR A 6 6.28 -3.50 1.57
N GLU A 7 7.20 -3.19 0.64
CA GLU A 7 6.98 -3.28 -0.80
C GLU A 7 6.43 -4.66 -1.22
N GLY A 8 5.36 -4.68 -2.02
CA GLY A 8 4.73 -5.90 -2.55
C GLY A 8 3.85 -6.67 -1.56
N MET A 9 3.83 -6.30 -0.28
CA MET A 9 2.88 -6.83 0.72
C MET A 9 1.47 -6.28 0.53
N SER A 10 0.46 -7.01 1.05
CA SER A 10 -0.95 -6.63 0.92
C SER A 10 -1.38 -5.50 1.84
N CYS A 11 -2.38 -4.73 1.41
CA CYS A 11 -2.84 -3.53 2.09
C CYS A 11 -4.25 -3.08 1.69
N GLU A 12 -4.76 -2.11 2.45
CA GLU A 12 -5.99 -1.38 2.18
C GLU A 12 -5.73 0.09 1.77
N GLU A 13 -4.60 0.69 2.20
CA GLU A 13 -4.22 2.10 1.94
C GLU A 13 -2.84 2.46 2.56
N ASN A 14 -2.37 3.68 2.28
CA ASN A 14 -1.13 4.30 2.74
C ASN A 14 -0.87 4.15 4.25
N GLN A 15 -1.90 4.21 5.11
CA GLN A 15 -1.73 4.20 6.56
C GLN A 15 -1.05 2.94 7.12
N GLN A 16 -1.21 1.76 6.48
CA GLN A 16 -0.45 0.56 6.84
C GLN A 16 0.83 0.37 6.02
N CYS A 17 0.86 0.89 4.80
CA CYS A 17 1.95 0.70 3.84
C CYS A 17 3.12 1.63 4.19
N CYS A 18 4.30 1.09 4.52
CA CYS A 18 5.47 1.88 4.94
C CYS A 18 5.94 2.88 3.87
N TRP A 19 5.53 2.66 2.61
CA TRP A 19 5.77 3.54 1.46
C TRP A 19 4.86 4.79 1.42
N ARG A 20 3.91 4.98 2.36
CA ARG A 20 3.03 6.17 2.43
C ARG A 20 2.26 6.45 1.12
N SER A 21 1.96 5.39 0.36
CA SER A 21 1.49 5.47 -1.02
C SER A 21 0.23 4.65 -1.31
N CYS A 22 -0.43 5.04 -2.40
CA CYS A 22 -1.76 4.62 -2.81
C CYS A 22 -1.86 3.12 -3.15
N CYS A 23 -2.82 2.44 -2.50
CA CYS A 23 -3.10 1.04 -2.75
C CYS A 23 -4.54 0.66 -2.35
N ARG A 24 -4.96 -0.52 -2.82
CA ARG A 24 -6.15 -1.27 -2.37
C ARG A 24 -5.92 -2.78 -2.31
N GLY A 25 -4.69 -3.23 -2.54
CA GLY A 25 -4.29 -4.64 -2.50
C GLY A 25 -2.78 -4.92 -2.44
N GLU A 26 -1.92 -3.98 -2.84
CA GLU A 26 -0.44 -4.09 -2.79
C GLU A 26 0.24 -2.75 -2.51
N CYS A 27 1.20 -2.71 -1.57
CA CYS A 27 2.01 -1.51 -1.34
C CYS A 27 2.88 -1.16 -2.56
N GLU A 28 2.54 -0.08 -3.27
CA GLU A 28 3.22 0.46 -4.45
C GLU A 28 3.10 1.99 -4.46
N ALA A 29 3.86 2.68 -5.30
CA ALA A 29 3.79 4.13 -5.42
C ALA A 29 2.49 4.61 -6.11
N PRO A 30 2.13 4.15 -7.33
CA PRO A 30 0.86 4.51 -7.97
C PRO A 30 -0.27 3.49 -7.71
N CYS A 31 -1.53 3.97 -7.66
CA CYS A 31 -2.75 3.14 -7.66
C CYS A 31 -3.05 2.53 -9.06
N ARG A 32 -2.03 2.00 -9.75
CA ARG A 32 -2.16 1.30 -11.04
C ARG A 32 -2.57 -0.17 -10.92
N PHE A 33 -2.58 -0.70 -9.70
CA PHE A 33 -3.03 -2.04 -9.31
C PHE A 33 -2.31 -3.19 -10.06
N GLY A 34 -1.07 -2.95 -10.48
CA GLY A 34 -0.25 -3.86 -11.29
C GLY A 34 0.61 -3.12 -12.33
N PRO A 35 1.25 -3.86 -13.26
CA PRO A 35 2.05 -3.32 -14.38
C PRO A 35 1.29 -2.33 -15.27
N GLY A 1 0.79 2.59 15.92
CA GLY A 1 0.12 1.36 15.44
C GLY A 1 1.06 0.16 15.39
N GLY A 2 0.64 -0.90 14.71
CA GLY A 2 1.43 -2.10 14.45
C GLY A 2 2.51 -1.90 13.37
N SER A 3 3.31 -2.94 13.11
CA SER A 3 4.38 -2.91 12.11
C SER A 3 3.82 -2.74 10.69
N CYS A 4 4.41 -1.83 9.93
CA CYS A 4 3.98 -1.49 8.57
C CYS A 4 4.05 -2.69 7.58
N ARG A 5 3.36 -2.56 6.45
CA ARG A 5 3.49 -3.45 5.29
C ARG A 5 4.56 -2.93 4.32
N THR A 6 5.54 -3.78 3.99
CA THR A 6 6.68 -3.46 3.12
C THR A 6 6.25 -3.36 1.65
N GLU A 7 7.13 -2.94 0.76
CA GLU A 7 6.86 -2.90 -0.69
C GLU A 7 6.39 -4.26 -1.24
N GLY A 8 5.26 -4.24 -1.96
CA GLY A 8 4.60 -5.43 -2.54
C GLY A 8 3.72 -6.26 -1.59
N MET A 9 3.77 -6.04 -0.27
CA MET A 9 2.87 -6.68 0.70
C MET A 9 1.41 -6.28 0.54
N SER A 10 0.48 -7.13 0.98
CA SER A 10 -0.97 -6.89 0.95
C SER A 10 -1.42 -5.85 1.97
N CYS A 11 -2.41 -5.03 1.62
CA CYS A 11 -2.83 -3.85 2.38
C CYS A 11 -4.23 -3.36 1.96
N GLU A 12 -4.75 -2.38 2.70
CA GLU A 12 -5.96 -1.61 2.37
C GLU A 12 -5.66 -0.17 1.89
N GLU A 13 -4.54 0.44 2.28
CA GLU A 13 -4.21 1.83 1.95
C GLU A 13 -2.76 2.20 2.35
N ASN A 14 -2.37 3.42 1.94
CA ASN A 14 -1.14 4.11 2.28
C ASN A 14 -0.78 4.05 3.78
N GLN A 15 -1.75 4.25 4.68
CA GLN A 15 -1.49 4.41 6.11
C GLN A 15 -0.83 3.19 6.78
N GLN A 16 -1.18 1.96 6.36
CA GLN A 16 -0.47 0.76 6.84
C GLN A 16 0.85 0.49 6.06
N CYS A 17 0.92 0.97 4.83
CA CYS A 17 2.01 0.70 3.89
C CYS A 17 3.22 1.59 4.25
N CYS A 18 4.42 1.00 4.38
CA CYS A 18 5.62 1.73 4.82
C CYS A 18 6.06 2.81 3.82
N TRP A 19 5.57 2.73 2.59
CA TRP A 19 5.76 3.74 1.54
C TRP A 19 4.78 4.93 1.65
N ARG A 20 3.78 4.87 2.53
CA ARG A 20 2.69 5.86 2.68
C ARG A 20 2.15 6.35 1.33
N SER A 21 1.96 5.40 0.42
CA SER A 21 1.61 5.59 -0.98
C SER A 21 0.58 4.55 -1.43
N CYS A 22 -0.08 4.83 -2.55
CA CYS A 22 -1.26 4.14 -3.06
C CYS A 22 -1.24 2.60 -3.09
N CYS A 23 -2.30 2.02 -2.55
CA CYS A 23 -2.54 0.59 -2.47
C CYS A 23 -4.03 0.27 -2.72
N ARG A 24 -4.31 -0.41 -3.84
CA ARG A 24 -5.62 -1.02 -4.14
C ARG A 24 -5.77 -2.44 -3.60
N GLY A 25 -4.67 -3.01 -3.11
CA GLY A 25 -4.56 -4.36 -2.55
C GLY A 25 -3.13 -4.82 -2.25
N GLU A 26 -2.10 -4.17 -2.80
CA GLU A 26 -0.67 -4.33 -2.45
C GLU A 26 0.08 -2.98 -2.40
N CYS A 27 1.10 -2.84 -1.54
CA CYS A 27 1.81 -1.56 -1.34
C CYS A 27 2.59 -1.13 -2.59
N GLU A 28 2.23 0.01 -3.19
CA GLU A 28 2.83 0.54 -4.43
C GLU A 28 3.01 2.08 -4.39
N ALA A 29 3.66 2.65 -5.41
CA ALA A 29 3.76 4.10 -5.61
C ALA A 29 2.63 4.69 -6.49
N PRO A 30 2.37 4.22 -7.73
CA PRO A 30 1.34 4.79 -8.60
C PRO A 30 -0.07 4.33 -8.20
N CYS A 31 -1.01 5.27 -8.14
CA CYS A 31 -2.45 5.07 -7.84
C CYS A 31 -3.25 4.59 -9.08
N ARG A 32 -2.60 3.78 -9.93
CA ARG A 32 -3.03 3.40 -11.30
C ARG A 32 -3.48 1.94 -11.46
N PHE A 33 -3.68 1.22 -10.35
CA PHE A 33 -3.99 -0.22 -10.34
C PHE A 33 -3.01 -1.06 -11.19
N GLY A 34 -1.72 -0.69 -11.20
CA GLY A 34 -0.70 -1.31 -12.05
C GLY A 34 0.46 -0.37 -12.43
N PRO A 35 1.61 -0.91 -12.89
CA PRO A 35 2.79 -0.17 -13.32
C PRO A 35 2.56 0.69 -14.57
N GLY A 1 3.52 -10.05 15.76
CA GLY A 1 3.61 -9.47 14.41
C GLY A 1 2.96 -8.09 14.36
N GLY A 2 2.17 -7.79 13.32
CA GLY A 2 1.45 -6.52 13.19
C GLY A 2 2.28 -5.34 12.64
N SER A 3 3.40 -5.62 11.97
CA SER A 3 4.29 -4.57 11.40
C SER A 3 3.63 -3.77 10.26
N CYS A 4 4.27 -2.64 9.90
CA CYS A 4 3.93 -1.92 8.67
C CYS A 4 4.19 -2.80 7.44
N ARG A 5 3.43 -2.60 6.36
CA ARG A 5 3.53 -3.38 5.12
C ARG A 5 4.52 -2.74 4.14
N THR A 6 5.58 -3.45 3.80
CA THR A 6 6.65 -2.98 2.90
C THR A 6 6.18 -2.96 1.44
N GLU A 7 7.05 -2.56 0.49
CA GLU A 7 6.73 -2.58 -0.94
C GLU A 7 6.26 -3.97 -1.41
N GLY A 8 5.14 -4.02 -2.16
CA GLY A 8 4.57 -5.27 -2.66
C GLY A 8 3.87 -6.15 -1.61
N MET A 9 3.84 -5.74 -0.34
CA MET A 9 3.05 -6.37 0.71
C MET A 9 1.58 -5.92 0.69
N SER A 10 0.66 -6.80 1.12
CA SER A 10 -0.79 -6.61 1.02
C SER A 10 -1.35 -5.52 1.94
N CYS A 11 -2.32 -4.73 1.44
CA CYS A 11 -2.81 -3.52 2.10
C CYS A 11 -4.17 -3.02 1.57
N GLU A 12 -4.72 -2.04 2.27
CA GLU A 12 -5.95 -1.31 1.93
C GLU A 12 -5.74 0.22 1.79
N GLU A 13 -4.61 0.76 2.28
CA GLU A 13 -4.30 2.19 2.29
C GLU A 13 -2.85 2.50 2.72
N ASN A 14 -2.41 3.72 2.42
CA ASN A 14 -1.09 4.31 2.71
C ASN A 14 -0.70 4.22 4.19
N GLN A 15 -1.66 4.29 5.12
CA GLN A 15 -1.35 4.31 6.56
C GLN A 15 -0.78 2.97 7.06
N GLN A 16 -1.26 1.81 6.58
CA GLN A 16 -0.63 0.52 6.92
C GLN A 16 0.64 0.26 6.08
N CYS A 17 0.67 0.77 4.85
CA CYS A 17 1.80 0.67 3.96
C CYS A 17 2.98 1.53 4.48
N CYS A 18 4.10 0.90 4.86
CA CYS A 18 5.30 1.58 5.35
C CYS A 18 5.88 2.55 4.30
N TRP A 19 5.55 2.35 3.02
CA TRP A 19 6.01 3.16 1.89
C TRP A 19 5.12 4.39 1.64
N ARG A 20 4.00 4.52 2.37
CA ARG A 20 3.14 5.70 2.41
C ARG A 20 2.66 6.17 1.03
N SER A 21 2.18 5.23 0.22
CA SER A 21 1.44 5.46 -1.05
C SER A 21 0.18 4.60 -1.06
N CYS A 22 -0.81 5.01 -1.85
CA CYS A 22 -2.13 4.38 -1.88
C CYS A 22 -2.07 2.98 -2.48
N CYS A 23 -3.09 2.17 -2.23
CA CYS A 23 -3.17 0.81 -2.78
C CYS A 23 -4.60 0.26 -2.81
N ARG A 24 -4.77 -0.84 -3.54
CA ARG A 24 -6.04 -1.59 -3.71
C ARG A 24 -5.85 -3.12 -3.71
N GLY A 25 -4.73 -3.55 -3.14
CA GLY A 25 -4.28 -4.94 -3.05
C GLY A 25 -2.94 -5.03 -2.33
N GLU A 26 -1.93 -4.31 -2.85
CA GLU A 26 -0.54 -4.30 -2.33
C GLU A 26 0.17 -2.95 -2.55
N CYS A 27 1.15 -2.62 -1.70
CA CYS A 27 1.81 -1.30 -1.69
C CYS A 27 2.55 -1.04 -3.02
N GLU A 28 2.13 -0.05 -3.81
CA GLU A 28 2.70 0.30 -5.12
C GLU A 28 2.66 1.81 -5.39
N ALA A 29 3.67 2.35 -6.05
CA ALA A 29 3.82 3.81 -6.22
C ALA A 29 2.74 4.48 -7.10
N PRO A 30 2.23 3.88 -8.20
CA PRO A 30 1.09 4.40 -8.96
C PRO A 30 -0.19 3.67 -8.61
N CYS A 31 -1.22 4.41 -8.16
CA CYS A 31 -2.46 3.84 -7.61
C CYS A 31 -3.52 3.58 -8.69
N ARG A 32 -3.59 2.33 -9.18
CA ARG A 32 -4.39 1.87 -10.33
C ARG A 32 -5.85 1.57 -10.01
N PHE A 33 -6.56 2.55 -9.45
CA PHE A 33 -8.00 2.46 -9.15
C PHE A 33 -8.87 2.29 -10.42
N GLY A 34 -10.00 1.60 -10.27
CA GLY A 34 -11.05 1.46 -11.29
C GLY A 34 -11.88 0.18 -11.19
N PRO A 35 -13.09 0.13 -11.80
CA PRO A 35 -13.98 -1.04 -11.83
C PRO A 35 -13.51 -2.15 -12.80
N GLY A 1 10.34 0.78 11.04
CA GLY A 1 9.34 1.59 11.75
C GLY A 1 8.44 0.73 12.61
N GLY A 2 7.17 1.11 12.73
CA GLY A 2 6.14 0.30 13.40
C GLY A 2 5.69 -0.94 12.60
N SER A 3 4.58 -1.55 13.02
CA SER A 3 3.96 -2.75 12.42
C SER A 3 3.30 -2.52 11.04
N CYS A 4 4.04 -1.94 10.10
CA CYS A 4 3.61 -1.61 8.73
C CYS A 4 3.72 -2.80 7.74
N ARG A 5 3.18 -2.63 6.53
CA ARG A 5 3.37 -3.51 5.37
C ARG A 5 4.56 -3.01 4.53
N THR A 6 5.48 -3.91 4.16
CA THR A 6 6.66 -3.62 3.33
C THR A 6 6.33 -3.69 1.82
N GLU A 7 7.32 -3.50 0.93
CA GLU A 7 7.05 -3.40 -0.52
C GLU A 7 6.39 -4.67 -1.13
N GLY A 8 5.30 -4.48 -1.86
CA GLY A 8 4.51 -5.53 -2.49
C GLY A 8 3.63 -6.37 -1.52
N MET A 9 3.74 -6.15 -0.21
CA MET A 9 2.88 -6.80 0.78
C MET A 9 1.43 -6.31 0.66
N SER A 10 0.46 -7.20 0.91
CA SER A 10 -0.96 -6.88 0.70
C SER A 10 -1.53 -5.94 1.77
N CYS A 11 -2.27 -4.93 1.32
CA CYS A 11 -2.72 -3.77 2.10
C CYS A 11 -4.09 -3.27 1.66
N GLU A 12 -4.59 -2.30 2.40
CA GLU A 12 -5.79 -1.53 2.08
C GLU A 12 -5.48 -0.07 1.69
N GLU A 13 -4.39 0.56 2.15
CA GLU A 13 -4.07 1.97 1.89
C GLU A 13 -2.65 2.37 2.35
N ASN A 14 -2.24 3.61 2.03
CA ASN A 14 -1.01 4.29 2.48
C ASN A 14 -0.73 4.15 3.97
N GLN A 15 -1.76 4.26 4.81
CA GLN A 15 -1.61 4.32 6.27
C GLN A 15 -0.92 3.07 6.83
N GLN A 16 -1.25 1.86 6.35
CA GLN A 16 -0.51 0.66 6.76
C GLN A 16 0.82 0.46 6.00
N CYS A 17 0.90 0.96 4.76
CA CYS A 17 2.02 0.72 3.87
C CYS A 17 3.21 1.62 4.21
N CYS A 18 4.40 1.06 4.48
CA CYS A 18 5.56 1.84 4.94
C CYS A 18 6.03 2.87 3.90
N TRP A 19 5.62 2.72 2.64
CA TRP A 19 5.83 3.65 1.52
C TRP A 19 4.93 4.91 1.54
N ARG A 20 3.92 4.96 2.44
CA ARG A 20 2.92 6.04 2.54
C ARG A 20 2.32 6.43 1.18
N SER A 21 2.00 5.42 0.36
CA SER A 21 1.59 5.61 -1.05
C SER A 21 0.40 4.72 -1.43
N CYS A 22 -0.24 5.05 -2.54
CA CYS A 22 -1.54 4.53 -2.96
C CYS A 22 -1.61 3.00 -3.10
N CYS A 23 -2.57 2.38 -2.41
CA CYS A 23 -2.80 0.96 -2.44
C CYS A 23 -4.30 0.61 -2.56
N ARG A 24 -4.56 -0.49 -3.27
CA ARG A 24 -5.84 -1.19 -3.39
C ARG A 24 -5.69 -2.72 -3.43
N GLY A 25 -4.50 -3.23 -3.16
CA GLY A 25 -4.20 -4.67 -3.04
C GLY A 25 -2.76 -5.00 -2.63
N GLU A 26 -1.77 -4.18 -2.97
CA GLU A 26 -0.35 -4.30 -2.60
C GLU A 26 0.34 -2.93 -2.44
N CYS A 27 1.37 -2.80 -1.58
CA CYS A 27 2.07 -1.52 -1.39
C CYS A 27 2.80 -1.08 -2.68
N GLU A 28 2.26 -0.04 -3.31
CA GLU A 28 2.72 0.53 -4.59
C GLU A 28 2.66 2.06 -4.54
N ALA A 29 3.15 2.76 -5.58
CA ALA A 29 3.11 4.21 -5.65
C ALA A 29 1.76 4.78 -6.17
N PRO A 30 1.31 4.51 -7.42
CA PRO A 30 0.00 4.92 -7.93
C PRO A 30 -1.09 3.85 -7.72
N CYS A 31 -2.37 4.26 -7.85
CA CYS A 31 -3.51 3.33 -7.92
C CYS A 31 -4.10 3.22 -9.33
N ARG A 32 -4.59 2.02 -9.68
CA ARG A 32 -5.28 1.71 -10.95
C ARG A 32 -6.77 2.15 -10.96
N PHE A 33 -7.00 3.42 -10.56
CA PHE A 33 -8.29 4.11 -10.56
C PHE A 33 -8.25 5.37 -11.46
N GLY A 34 -9.07 5.39 -12.50
CA GLY A 34 -9.18 6.51 -13.45
C GLY A 34 -10.39 7.44 -13.21
N PRO A 35 -10.59 8.45 -14.08
CA PRO A 35 -11.68 9.44 -14.00
C PRO A 35 -13.07 8.81 -14.06
N GLY A 1 -0.02 3.70 12.72
CA GLY A 1 1.33 3.90 13.26
C GLY A 1 1.94 2.58 13.69
N GLY A 2 3.17 2.58 14.20
CA GLY A 2 3.90 1.36 14.56
C GLY A 2 4.25 0.51 13.33
N SER A 3 4.09 -0.82 13.44
CA SER A 3 4.49 -1.78 12.39
C SER A 3 3.86 -1.49 11.02
N CYS A 4 4.60 -1.73 9.95
CA CYS A 4 4.22 -1.36 8.58
C CYS A 4 4.42 -2.52 7.58
N ARG A 5 3.64 -2.51 6.49
CA ARG A 5 3.83 -3.41 5.34
C ARG A 5 4.91 -2.86 4.38
N THR A 6 5.85 -3.71 3.95
CA THR A 6 6.89 -3.42 2.95
C THR A 6 6.29 -3.34 1.52
N GLU A 7 7.09 -2.99 0.51
CA GLU A 7 6.69 -3.10 -0.90
C GLU A 7 6.17 -4.51 -1.27
N GLY A 8 5.10 -4.56 -2.06
CA GLY A 8 4.49 -5.81 -2.54
C GLY A 8 3.71 -6.62 -1.49
N MET A 9 3.70 -6.19 -0.24
CA MET A 9 2.83 -6.76 0.80
C MET A 9 1.38 -6.31 0.61
N SER A 10 0.43 -7.14 1.04
CA SER A 10 -1.01 -6.84 0.97
C SER A 10 -1.45 -5.85 2.04
N CYS A 11 -2.40 -4.99 1.68
CA CYS A 11 -2.80 -3.80 2.44
C CYS A 11 -4.21 -3.31 2.06
N GLU A 12 -4.75 -2.42 2.88
CA GLU A 12 -5.96 -1.65 2.58
C GLU A 12 -5.66 -0.32 1.87
N GLU A 13 -4.55 0.37 2.21
CA GLU A 13 -4.19 1.73 1.75
C GLU A 13 -2.84 2.18 2.35
N ASN A 14 -2.37 3.37 1.94
CA ASN A 14 -1.19 4.09 2.43
C ASN A 14 -0.99 4.02 3.95
N GLN A 15 -2.07 4.05 4.73
CA GLN A 15 -2.07 4.21 6.19
C GLN A 15 -1.50 3.02 7.01
N GLN A 16 -1.18 1.91 6.35
CA GLN A 16 -0.41 0.78 6.91
C GLN A 16 0.89 0.44 6.14
N CYS A 17 1.05 1.05 4.97
CA CYS A 17 2.08 0.73 3.98
C CYS A 17 3.28 1.66 4.22
N CYS A 18 4.49 1.11 4.40
CA CYS A 18 5.67 1.89 4.86
C CYS A 18 6.12 2.95 3.85
N TRP A 19 5.65 2.84 2.60
CA TRP A 19 5.86 3.83 1.54
C TRP A 19 4.97 5.07 1.71
N ARG A 20 3.91 5.02 2.55
CA ARG A 20 2.85 6.04 2.64
C ARG A 20 2.36 6.42 1.24
N SER A 21 1.97 5.40 0.49
CA SER A 21 1.66 5.46 -0.94
C SER A 21 0.48 4.58 -1.29
N CYS A 22 -0.10 4.83 -2.46
CA CYS A 22 -1.32 4.20 -2.97
C CYS A 22 -1.31 2.67 -2.86
N CYS A 23 -2.42 2.11 -2.41
CA CYS A 23 -2.64 0.68 -2.37
C CYS A 23 -4.14 0.39 -2.48
N ARG A 24 -4.49 -0.28 -3.57
CA ARG A 24 -5.80 -0.91 -3.83
C ARG A 24 -5.73 -2.45 -3.75
N GLY A 25 -4.61 -2.99 -3.26
CA GLY A 25 -4.41 -4.41 -2.94
C GLY A 25 -2.99 -4.79 -2.53
N GLU A 26 -1.98 -4.02 -2.96
CA GLU A 26 -0.55 -4.23 -2.69
C GLU A 26 0.17 -2.87 -2.50
N CYS A 27 1.15 -2.77 -1.59
CA CYS A 27 1.88 -1.50 -1.39
C CYS A 27 2.63 -1.10 -2.66
N GLU A 28 2.26 0.02 -3.29
CA GLU A 28 2.76 0.44 -4.61
C GLU A 28 3.04 1.95 -4.70
N ALA A 29 3.92 2.35 -5.62
CA ALA A 29 4.17 3.75 -5.95
C ALA A 29 3.09 4.39 -6.87
N PRO A 30 2.76 3.84 -8.06
CA PRO A 30 1.66 4.35 -8.88
C PRO A 30 0.27 4.07 -8.29
N CYS A 31 -0.73 4.86 -8.68
CA CYS A 31 -2.11 4.83 -8.18
C CYS A 31 -3.06 4.50 -9.33
N ARG A 32 -3.88 3.45 -9.22
CA ARG A 32 -4.73 2.91 -10.29
C ARG A 32 -6.03 2.34 -9.74
N PHE A 33 -7.14 3.05 -9.95
CA PHE A 33 -8.47 2.56 -9.60
C PHE A 33 -8.91 1.40 -10.51
N GLY A 34 -9.36 0.30 -9.92
CA GLY A 34 -9.87 -0.89 -10.63
C GLY A 34 -8.82 -1.83 -11.23
N PRO A 35 -9.25 -2.98 -11.78
CA PRO A 35 -8.38 -4.01 -12.37
C PRO A 35 -7.70 -3.53 -13.65
N GLY A 1 -6.06 -4.16 13.32
CA GLY A 1 -4.83 -3.37 13.53
C GLY A 1 -3.60 -4.19 13.24
N GLY A 2 -2.51 -3.56 12.77
CA GLY A 2 -1.26 -4.27 12.43
C GLY A 2 -0.04 -3.37 12.18
N SER A 3 1.11 -4.02 11.96
CA SER A 3 2.41 -3.39 11.64
C SER A 3 2.50 -2.96 10.17
N CYS A 4 3.29 -1.94 9.86
CA CYS A 4 3.38 -1.37 8.49
C CYS A 4 3.88 -2.39 7.44
N ARG A 5 3.61 -2.14 6.16
CA ARG A 5 3.78 -3.08 5.05
C ARG A 5 4.76 -2.62 3.97
N THR A 6 5.67 -3.50 3.57
CA THR A 6 6.74 -3.26 2.58
C THR A 6 6.23 -3.40 1.12
N GLU A 7 7.08 -3.17 0.12
CA GLU A 7 6.75 -3.34 -1.31
C GLU A 7 6.23 -4.76 -1.60
N GLY A 8 5.05 -4.89 -2.22
CA GLY A 8 4.45 -6.19 -2.54
C GLY A 8 3.75 -6.91 -1.37
N MET A 9 3.75 -6.33 -0.17
CA MET A 9 2.93 -6.79 0.95
C MET A 9 1.49 -6.27 0.81
N SER A 10 0.53 -7.03 1.35
CA SER A 10 -0.90 -6.71 1.30
C SER A 10 -1.29 -5.53 2.19
N CYS A 11 -2.28 -4.74 1.77
CA CYS A 11 -2.64 -3.47 2.41
C CYS A 11 -4.05 -2.99 2.05
N GLU A 12 -4.56 -2.06 2.84
CA GLU A 12 -5.85 -1.38 2.62
C GLU A 12 -5.72 0.15 2.47
N GLU A 13 -4.53 0.75 2.69
CA GLU A 13 -4.29 2.20 2.59
C GLU A 13 -2.81 2.61 2.77
N ASN A 14 -2.51 3.88 2.46
CA ASN A 14 -1.23 4.56 2.71
C ASN A 14 -0.79 4.52 4.19
N GLN A 15 -1.73 4.61 5.15
CA GLN A 15 -1.44 4.47 6.59
C GLN A 15 -1.05 3.04 7.03
N GLN A 16 -1.14 2.05 6.14
CA GLN A 16 -0.67 0.68 6.35
C GLN A 16 0.57 0.37 5.50
N CYS A 17 0.58 0.83 4.25
CA CYS A 17 1.76 0.81 3.38
C CYS A 17 2.87 1.71 3.94
N CYS A 18 3.99 1.13 4.38
CA CYS A 18 5.07 1.85 5.08
C CYS A 18 5.79 2.90 4.18
N TRP A 19 5.50 2.88 2.88
CA TRP A 19 5.99 3.82 1.87
C TRP A 19 5.09 5.06 1.67
N ARG A 20 3.97 5.16 2.40
CA ARG A 20 3.02 6.30 2.36
C ARG A 20 2.35 6.53 1.00
N SER A 21 2.15 5.50 0.17
CA SER A 21 1.33 5.61 -1.05
C SER A 21 0.21 4.58 -1.06
N CYS A 22 -0.81 4.84 -1.88
CA CYS A 22 -2.08 4.13 -1.93
C CYS A 22 -1.95 2.75 -2.58
N CYS A 23 -2.92 1.88 -2.31
CA CYS A 23 -2.96 0.55 -2.90
C CYS A 23 -4.38 -0.01 -3.02
N ARG A 24 -4.65 -0.77 -4.08
CA ARG A 24 -5.87 -1.60 -4.22
C ARG A 24 -5.63 -3.11 -4.10
N GLY A 25 -4.59 -3.49 -3.35
CA GLY A 25 -4.34 -4.87 -2.90
C GLY A 25 -2.94 -5.13 -2.33
N GLU A 26 -1.90 -4.57 -2.95
CA GLU A 26 -0.48 -4.74 -2.60
C GLU A 26 0.24 -3.39 -2.73
N CYS A 27 1.17 -3.08 -1.82
CA CYS A 27 1.80 -1.75 -1.80
C CYS A 27 2.53 -1.39 -3.11
N GLU A 28 2.24 -0.20 -3.65
CA GLU A 28 2.87 0.37 -4.84
C GLU A 28 2.99 1.91 -4.76
N ALA A 29 3.94 2.50 -5.50
CA ALA A 29 4.10 3.95 -5.60
C ALA A 29 2.98 4.63 -6.41
N PRO A 30 2.67 4.24 -7.67
CA PRO A 30 1.58 4.83 -8.43
C PRO A 30 0.21 4.27 -8.01
N CYS A 31 -0.83 5.09 -8.18
CA CYS A 31 -2.23 4.74 -7.88
C CYS A 31 -3.17 5.03 -9.07
N ARG A 32 -2.69 4.74 -10.29
CA ARG A 32 -3.37 5.00 -11.57
C ARG A 32 -4.46 3.99 -11.92
N PHE A 33 -4.41 2.84 -11.24
CA PHE A 33 -5.39 1.75 -11.24
C PHE A 33 -5.77 1.24 -12.64
N GLY A 34 -4.80 0.68 -13.35
CA GLY A 34 -4.97 -0.05 -14.61
C GLY A 34 -5.60 -1.44 -14.41
N PRO A 35 -4.82 -2.54 -14.50
CA PRO A 35 -5.32 -3.91 -14.29
C PRO A 35 -5.80 -4.15 -12.85
N GLY A 1 -3.52 0.46 12.93
CA GLY A 1 -3.36 -0.69 13.84
C GLY A 1 -2.22 -1.57 13.41
N GLY A 2 -1.65 -2.33 14.34
CA GLY A 2 -0.65 -3.39 14.10
C GLY A 2 0.66 -2.92 13.45
N SER A 3 1.33 -3.87 12.79
CA SER A 3 2.52 -3.64 11.95
C SER A 3 2.17 -2.97 10.61
N CYS A 4 3.14 -2.25 10.05
CA CYS A 4 3.08 -1.72 8.68
C CYS A 4 3.48 -2.79 7.64
N ARG A 5 3.25 -2.52 6.36
CA ARG A 5 3.52 -3.41 5.22
C ARG A 5 4.54 -2.81 4.22
N THR A 6 5.49 -3.61 3.75
CA THR A 6 6.56 -3.18 2.81
C THR A 6 6.07 -3.07 1.36
N GLU A 7 6.92 -2.56 0.47
CA GLU A 7 6.68 -2.53 -0.98
C GLU A 7 6.34 -3.94 -1.51
N GLY A 8 5.20 -4.09 -2.21
CA GLY A 8 4.71 -5.36 -2.77
C GLY A 8 3.98 -6.28 -1.78
N MET A 9 3.93 -5.95 -0.49
CA MET A 9 3.07 -6.62 0.50
C MET A 9 1.60 -6.20 0.37
N SER A 10 0.68 -7.01 0.89
CA SER A 10 -0.76 -6.71 0.92
C SER A 10 -1.10 -5.58 1.90
N CYS A 11 -2.18 -4.83 1.62
CA CYS A 11 -2.56 -3.61 2.32
C CYS A 11 -4.00 -3.20 1.98
N GLU A 12 -4.39 -2.01 2.47
CA GLU A 12 -5.65 -1.33 2.11
C GLU A 12 -5.50 0.20 1.99
N GLU A 13 -4.35 0.78 2.40
CA GLU A 13 -4.11 2.24 2.37
C GLU A 13 -2.65 2.63 2.67
N ASN A 14 -2.27 3.87 2.31
CA ASN A 14 -1.01 4.54 2.62
C ASN A 14 -0.62 4.57 4.11
N GLN A 15 -1.58 4.56 5.05
CA GLN A 15 -1.30 4.37 6.48
C GLN A 15 -0.73 2.97 6.78
N GLN A 16 -1.38 1.91 6.31
CA GLN A 16 -0.96 0.52 6.49
C GLN A 16 0.35 0.20 5.75
N CYS A 17 0.53 0.74 4.55
CA CYS A 17 1.77 0.66 3.79
C CYS A 17 2.86 1.55 4.44
N CYS A 18 3.98 0.96 4.89
CA CYS A 18 5.10 1.69 5.53
C CYS A 18 5.74 2.72 4.57
N TRP A 19 5.46 2.58 3.29
CA TRP A 19 6.05 3.32 2.18
C TRP A 19 5.10 4.44 1.69
N ARG A 20 4.04 4.72 2.47
CA ARG A 20 3.11 5.87 2.35
C ARG A 20 2.42 5.99 0.98
N SER A 21 2.25 4.87 0.28
CA SER A 21 1.73 4.79 -1.09
C SER A 21 0.28 4.33 -1.19
N CYS A 22 -0.37 4.78 -2.27
CA CYS A 22 -1.71 4.37 -2.64
C CYS A 22 -1.75 2.86 -2.84
N CYS A 23 -2.83 2.22 -2.40
CA CYS A 23 -3.00 0.78 -2.56
C CYS A 23 -4.48 0.39 -2.62
N ARG A 24 -4.77 -0.59 -3.49
CA ARG A 24 -6.05 -1.31 -3.60
C ARG A 24 -5.93 -2.82 -3.42
N GLY A 25 -4.74 -3.28 -3.01
CA GLY A 25 -4.43 -4.68 -2.75
C GLY A 25 -2.97 -4.94 -2.40
N GLU A 26 -2.03 -4.15 -2.95
CA GLU A 26 -0.57 -4.26 -2.73
C GLU A 26 0.12 -2.89 -2.67
N CYS A 27 1.13 -2.71 -1.81
CA CYS A 27 1.82 -1.44 -1.63
C CYS A 27 2.67 -1.08 -2.85
N GLU A 28 2.24 -0.09 -3.65
CA GLU A 28 2.91 0.30 -4.89
C GLU A 28 2.76 1.80 -5.19
N ALA A 29 3.80 2.40 -5.76
CA ALA A 29 3.82 3.84 -6.06
C ALA A 29 2.75 4.27 -7.10
N PRO A 30 2.64 3.68 -8.30
CA PRO A 30 1.56 3.98 -9.25
C PRO A 30 0.25 3.31 -8.85
N CYS A 31 -0.83 4.10 -8.84
CA CYS A 31 -2.18 3.64 -8.52
C CYS A 31 -2.86 3.01 -9.76
N ARG A 32 -3.60 1.91 -9.56
CA ARG A 32 -4.25 1.11 -10.60
C ARG A 32 -5.76 0.94 -10.39
N PHE A 33 -6.49 2.04 -10.14
CA PHE A 33 -7.96 2.01 -10.03
C PHE A 33 -8.66 1.88 -11.40
N GLY A 34 -9.75 1.11 -11.46
CA GLY A 34 -10.57 0.87 -12.67
C GLY A 34 -9.92 0.11 -13.85
N PRO A 35 -9.07 -0.92 -13.67
CA PRO A 35 -8.45 -1.67 -14.79
C PRO A 35 -9.44 -2.65 -15.43
N GLY A 1 -3.54 -1.56 14.55
CA GLY A 1 -2.16 -2.04 14.61
C GLY A 1 -1.23 -1.10 13.86
N GLY A 2 -0.53 -0.22 14.58
CA GLY A 2 0.31 0.86 14.03
C GLY A 2 1.62 0.46 13.34
N SER A 3 1.89 -0.84 13.14
CA SER A 3 2.98 -1.35 12.31
C SER A 3 2.56 -1.45 10.85
N CYS A 4 3.51 -1.33 9.93
CA CYS A 4 3.25 -1.23 8.48
C CYS A 4 3.56 -2.52 7.70
N ARG A 5 3.14 -2.57 6.43
CA ARG A 5 3.57 -3.56 5.42
C ARG A 5 4.76 -3.01 4.64
N THR A 6 5.76 -3.86 4.36
CA THR A 6 6.86 -3.53 3.44
C THR A 6 6.38 -3.57 1.97
N GLU A 7 7.18 -3.09 1.03
CA GLU A 7 6.75 -2.96 -0.37
C GLU A 7 6.44 -4.31 -1.05
N GLY A 8 5.36 -4.32 -1.84
CA GLY A 8 4.83 -5.51 -2.50
C GLY A 8 3.91 -6.39 -1.65
N MET A 9 3.87 -6.21 -0.32
CA MET A 9 2.95 -6.91 0.60
C MET A 9 1.51 -6.44 0.42
N SER A 10 0.54 -7.26 0.83
CA SER A 10 -0.90 -6.94 0.73
C SER A 10 -1.37 -5.95 1.81
N CYS A 11 -2.23 -5.00 1.43
CA CYS A 11 -2.60 -3.83 2.22
C CYS A 11 -4.00 -3.29 1.87
N GLU A 12 -4.44 -2.34 2.70
CA GLU A 12 -5.67 -1.57 2.47
C GLU A 12 -5.44 -0.16 1.90
N GLU A 13 -4.31 0.51 2.21
CA GLU A 13 -4.06 1.94 1.87
C GLU A 13 -2.65 2.43 2.29
N ASN A 14 -2.28 3.67 1.93
CA ASN A 14 -1.09 4.41 2.35
C ASN A 14 -0.82 4.40 3.87
N GLN A 15 -1.86 4.38 4.70
CA GLN A 15 -1.75 4.35 6.16
C GLN A 15 -1.30 2.99 6.72
N GLN A 16 -1.46 1.91 5.96
CA GLN A 16 -0.92 0.56 6.26
C GLN A 16 0.45 0.31 5.60
N CYS A 17 0.68 0.91 4.44
CA CYS A 17 1.89 0.72 3.62
C CYS A 17 3.05 1.64 4.07
N CYS A 18 4.23 1.07 4.37
CA CYS A 18 5.41 1.85 4.77
C CYS A 18 5.93 2.79 3.67
N TRP A 19 5.55 2.58 2.41
CA TRP A 19 5.82 3.52 1.33
C TRP A 19 5.00 4.82 1.43
N ARG A 20 4.04 4.90 2.37
CA ARG A 20 3.13 6.04 2.56
C ARG A 20 2.51 6.48 1.23
N SER A 21 2.15 5.50 0.40
CA SER A 21 1.75 5.65 -1.00
C SER A 21 0.54 4.77 -1.32
N CYS A 22 -0.10 5.01 -2.46
CA CYS A 22 -1.39 4.40 -2.81
C CYS A 22 -1.38 2.87 -2.72
N CYS A 23 -2.52 2.33 -2.33
CA CYS A 23 -2.78 0.89 -2.40
C CYS A 23 -4.28 0.58 -2.45
N ARG A 24 -4.64 -0.39 -3.28
CA ARG A 24 -5.97 -1.05 -3.31
C ARG A 24 -5.84 -2.58 -3.42
N GLY A 25 -4.74 -3.10 -2.90
CA GLY A 25 -4.51 -4.53 -2.71
C GLY A 25 -3.07 -4.88 -2.32
N GLU A 26 -2.07 -4.18 -2.88
CA GLU A 26 -0.63 -4.39 -2.63
C GLU A 26 0.14 -3.06 -2.61
N CYS A 27 1.16 -2.93 -1.74
CA CYS A 27 1.87 -1.64 -1.54
C CYS A 27 2.63 -1.19 -2.80
N GLU A 28 2.20 -0.07 -3.39
CA GLU A 28 2.65 0.46 -4.69
C GLU A 28 2.86 1.99 -4.63
N ALA A 29 3.40 2.59 -5.71
CA ALA A 29 3.44 4.04 -5.91
C ALA A 29 2.35 4.55 -6.89
N PRO A 30 2.09 3.90 -8.06
CA PRO A 30 0.94 4.19 -8.92
C PRO A 30 -0.17 3.13 -8.78
N CYS A 31 -1.45 3.54 -8.90
CA CYS A 31 -2.63 2.70 -8.72
C CYS A 31 -3.65 2.87 -9.88
N ARG A 32 -3.16 2.94 -11.13
CA ARG A 32 -3.98 3.07 -12.35
C ARG A 32 -4.61 1.73 -12.78
N PHE A 33 -5.38 1.15 -11.86
CA PHE A 33 -6.04 -0.15 -11.98
C PHE A 33 -7.27 -0.09 -12.90
N GLY A 34 -7.73 -1.26 -13.36
CA GLY A 34 -8.97 -1.42 -14.12
C GLY A 34 -8.98 -0.77 -15.53
N PRO A 35 -10.16 -0.73 -16.18
CA PRO A 35 -10.34 -0.25 -17.57
C PRO A 35 -9.99 1.23 -17.76
N GLY A 1 -2.59 -4.27 14.67
CA GLY A 1 -1.39 -3.78 15.36
C GLY A 1 -0.62 -2.80 14.50
N GLY A 2 0.22 -1.97 15.12
CA GLY A 2 0.91 -0.83 14.51
C GLY A 2 2.06 -1.15 13.54
N SER A 3 2.32 -2.43 13.24
CA SER A 3 3.23 -2.84 12.14
C SER A 3 2.79 -2.27 10.78
N CYS A 4 3.74 -1.99 9.89
CA CYS A 4 3.48 -1.57 8.50
C CYS A 4 3.77 -2.70 7.51
N ARG A 5 3.23 -2.61 6.30
CA ARG A 5 3.57 -3.49 5.17
C ARG A 5 4.72 -2.92 4.33
N THR A 6 5.70 -3.77 4.03
CA THR A 6 6.82 -3.49 3.10
C THR A 6 6.32 -3.49 1.63
N GLU A 7 7.17 -3.21 0.64
CA GLU A 7 6.71 -3.13 -0.75
C GLU A 7 6.23 -4.49 -1.30
N GLY A 8 5.14 -4.49 -2.06
CA GLY A 8 4.50 -5.72 -2.58
C GLY A 8 3.69 -6.53 -1.56
N MET A 9 3.76 -6.18 -0.28
CA MET A 9 2.90 -6.75 0.76
C MET A 9 1.46 -6.21 0.69
N SER A 10 0.52 -6.99 1.23
CA SER A 10 -0.93 -6.80 1.10
C SER A 10 -1.51 -5.73 2.05
N CYS A 11 -2.32 -4.82 1.50
CA CYS A 11 -2.74 -3.59 2.17
C CYS A 11 -4.10 -3.10 1.68
N GLU A 12 -4.65 -2.14 2.42
CA GLU A 12 -5.89 -1.43 2.06
C GLU A 12 -5.75 0.11 2.07
N GLU A 13 -4.60 0.66 2.49
CA GLU A 13 -4.36 2.12 2.55
C GLU A 13 -2.89 2.52 2.78
N ASN A 14 -2.57 3.79 2.48
CA ASN A 14 -1.30 4.47 2.70
C ASN A 14 -0.77 4.36 4.14
N GLN A 15 -1.61 4.49 5.17
CA GLN A 15 -1.14 4.44 6.57
C GLN A 15 -0.59 3.05 6.95
N GLN A 16 -1.19 1.97 6.44
CA GLN A 16 -0.70 0.60 6.59
C GLN A 16 0.58 0.35 5.78
N CYS A 17 0.66 0.90 4.58
CA CYS A 17 1.81 0.78 3.69
C CYS A 17 3.01 1.63 4.16
N CYS A 18 4.18 1.03 4.39
CA CYS A 18 5.37 1.77 4.86
C CYS A 18 5.97 2.73 3.81
N TRP A 19 5.43 2.72 2.60
CA TRP A 19 5.70 3.69 1.53
C TRP A 19 4.83 4.95 1.61
N ARG A 20 3.82 4.98 2.50
CA ARG A 20 2.83 6.05 2.66
C ARG A 20 2.11 6.43 1.36
N SER A 21 1.99 5.46 0.44
CA SER A 21 1.33 5.59 -0.87
C SER A 21 0.10 4.67 -0.97
N CYS A 22 -0.82 5.02 -1.85
CA CYS A 22 -2.10 4.35 -1.99
C CYS A 22 -1.94 2.91 -2.47
N CYS A 23 -2.92 2.07 -2.16
CA CYS A 23 -2.90 0.65 -2.44
C CYS A 23 -4.33 0.11 -2.43
N ARG A 24 -4.68 -0.54 -3.54
CA ARG A 24 -5.89 -1.32 -3.74
C ARG A 24 -5.55 -2.80 -3.96
N GLY A 25 -4.57 -3.28 -3.20
CA GLY A 25 -4.16 -4.69 -3.14
C GLY A 25 -2.79 -4.86 -2.50
N GLU A 26 -1.75 -4.25 -3.08
CA GLU A 26 -0.35 -4.38 -2.67
C GLU A 26 0.43 -3.05 -2.74
N CYS A 27 1.36 -2.82 -1.79
CA CYS A 27 2.00 -1.50 -1.61
C CYS A 27 2.82 -1.05 -2.84
N GLU A 28 2.42 0.08 -3.46
CA GLU A 28 3.03 0.58 -4.70
C GLU A 28 2.99 2.12 -4.83
N ALA A 29 3.79 2.65 -5.75
CA ALA A 29 3.74 4.06 -6.17
C ALA A 29 2.52 4.37 -7.09
N PRO A 30 2.24 3.62 -8.17
CA PRO A 30 0.98 3.72 -8.92
C PRO A 30 -0.15 3.03 -8.15
N CYS A 31 -1.40 3.48 -8.31
CA CYS A 31 -2.55 3.07 -7.48
C CYS A 31 -3.75 2.62 -8.32
N ARG A 32 -4.14 1.35 -8.18
CA ARG A 32 -5.14 0.64 -9.00
C ARG A 32 -6.58 0.93 -8.61
N PHE A 33 -6.97 2.22 -8.57
CA PHE A 33 -8.34 2.64 -8.30
C PHE A 33 -9.32 2.19 -9.41
N GLY A 34 -10.59 2.01 -9.05
CA GLY A 34 -11.67 1.69 -9.98
C GLY A 34 -13.06 1.81 -9.34
N PRO A 35 -14.14 1.86 -10.16
CA PRO A 35 -15.51 1.87 -9.65
C PRO A 35 -15.85 0.59 -8.89
N GLY A 1 3.69 3.15 19.66
CA GLY A 1 4.56 2.65 18.59
C GLY A 1 3.89 2.84 17.26
N GLY A 2 4.23 2.01 16.28
CA GLY A 2 3.61 1.99 14.95
C GLY A 2 3.79 0.64 14.25
N SER A 3 3.25 0.52 13.03
CA SER A 3 3.26 -0.72 12.23
C SER A 3 3.03 -0.43 10.74
N CYS A 4 3.68 -1.18 9.86
CA CYS A 4 3.60 -0.97 8.41
C CYS A 4 3.89 -2.24 7.57
N ARG A 5 3.46 -2.24 6.30
CA ARG A 5 3.68 -3.28 5.28
C ARG A 5 4.71 -2.87 4.22
N THR A 6 5.67 -3.76 3.93
CA THR A 6 6.81 -3.57 3.01
C THR A 6 6.37 -3.61 1.53
N GLU A 7 7.29 -3.36 0.60
CA GLU A 7 7.00 -3.30 -0.84
C GLU A 7 6.50 -4.64 -1.41
N GLY A 8 5.35 -4.62 -2.09
CA GLY A 8 4.68 -5.81 -2.60
C GLY A 8 3.90 -6.64 -1.56
N MET A 9 3.86 -6.21 -0.30
CA MET A 9 2.98 -6.79 0.73
C MET A 9 1.53 -6.29 0.59
N SER A 10 0.57 -7.03 1.14
CA SER A 10 -0.85 -6.66 1.13
C SER A 10 -1.18 -5.48 2.06
N CYS A 11 -2.24 -4.76 1.73
CA CYS A 11 -2.64 -3.49 2.32
C CYS A 11 -4.05 -3.08 1.86
N GLU A 12 -4.52 -1.94 2.38
CA GLU A 12 -5.73 -1.24 1.91
C GLU A 12 -5.52 0.28 1.74
N GLU A 13 -4.37 0.84 2.18
CA GLU A 13 -4.12 2.28 2.20
C GLU A 13 -2.68 2.70 2.56
N ASN A 14 -2.34 3.97 2.31
CA ASN A 14 -1.12 4.66 2.74
C ASN A 14 -0.83 4.49 4.25
N GLN A 15 -1.84 4.63 5.13
CA GLN A 15 -1.72 4.40 6.59
C GLN A 15 -1.43 2.92 7.00
N GLN A 16 -1.32 2.00 6.04
CA GLN A 16 -0.87 0.61 6.25
C GLN A 16 0.43 0.31 5.47
N CYS A 17 0.60 0.90 4.29
CA CYS A 17 1.80 0.77 3.46
C CYS A 17 2.98 1.61 3.98
N CYS A 18 4.16 1.00 4.15
CA CYS A 18 5.34 1.67 4.74
C CYS A 18 5.98 2.71 3.82
N TRP A 19 5.54 2.76 2.56
CA TRP A 19 5.91 3.79 1.59
C TRP A 19 5.02 5.05 1.68
N ARG A 20 3.95 5.01 2.50
CA ARG A 20 2.86 6.00 2.53
C ARG A 20 2.19 6.20 1.16
N SER A 21 2.19 5.17 0.32
CA SER A 21 1.59 5.18 -1.03
C SER A 21 0.21 4.55 -1.09
N CYS A 22 -0.58 4.96 -2.08
CA CYS A 22 -1.92 4.46 -2.33
C CYS A 22 -1.94 3.01 -2.84
N CYS A 23 -2.88 2.23 -2.31
CA CYS A 23 -3.02 0.80 -2.56
C CYS A 23 -4.49 0.38 -2.39
N ARG A 24 -4.90 -0.64 -3.14
CA ARG A 24 -6.17 -1.37 -2.98
C ARG A 24 -6.02 -2.88 -2.72
N GLY A 25 -4.78 -3.36 -2.63
CA GLY A 25 -4.44 -4.77 -2.40
C GLY A 25 -2.94 -5.10 -2.29
N GLU A 26 -2.03 -4.28 -2.86
CA GLU A 26 -0.57 -4.45 -2.76
C GLU A 26 0.17 -3.09 -2.70
N CYS A 27 1.20 -2.95 -1.84
CA CYS A 27 1.90 -1.67 -1.68
C CYS A 27 2.75 -1.27 -2.91
N GLU A 28 2.40 -0.14 -3.54
CA GLU A 28 3.09 0.42 -4.72
C GLU A 28 2.88 1.94 -4.82
N ALA A 29 3.77 2.64 -5.52
CA ALA A 29 3.68 4.09 -5.73
C ALA A 29 2.57 4.51 -6.72
N PRO A 30 2.50 3.96 -7.96
CA PRO A 30 1.36 4.15 -8.84
C PRO A 30 0.19 3.26 -8.42
N CYS A 31 -1.04 3.79 -8.50
CA CYS A 31 -2.23 3.16 -7.95
C CYS A 31 -3.50 3.42 -8.78
N ARG A 32 -4.38 2.41 -8.83
CA ARG A 32 -5.62 2.43 -9.63
C ARG A 32 -6.77 3.02 -8.82
N PHE A 33 -6.74 4.34 -8.66
CA PHE A 33 -7.79 5.15 -8.04
C PHE A 33 -8.19 6.29 -8.99
N GLY A 34 -9.50 6.50 -9.15
CA GLY A 34 -10.06 7.43 -10.14
C GLY A 34 -11.59 7.46 -10.11
N PRO A 35 -12.24 8.04 -11.14
CA PRO A 35 -13.69 8.29 -11.18
C PRO A 35 -14.56 7.05 -10.96
N GLY A 1 -0.72 -7.36 9.74
CA GLY A 1 -0.91 -7.06 11.17
C GLY A 1 -0.74 -5.57 11.43
N GLY A 2 -0.29 -5.20 12.64
CA GLY A 2 -0.08 -3.81 13.05
C GLY A 2 1.23 -3.16 12.55
N SER A 3 2.29 -3.95 12.31
CA SER A 3 3.56 -3.47 11.76
C SER A 3 3.44 -3.02 10.29
N CYS A 4 4.19 -2.00 9.88
CA CYS A 4 4.02 -1.33 8.59
C CYS A 4 4.45 -2.21 7.39
N ARG A 5 3.63 -2.25 6.33
CA ARG A 5 3.76 -3.15 5.17
C ARG A 5 4.75 -2.63 4.13
N THR A 6 5.70 -3.45 3.71
CA THR A 6 6.74 -3.12 2.71
C THR A 6 6.18 -3.12 1.28
N GLU A 7 6.98 -2.72 0.30
CA GLU A 7 6.60 -2.76 -1.12
C GLU A 7 6.25 -4.20 -1.56
N GLY A 8 5.12 -4.39 -2.23
CA GLY A 8 4.62 -5.71 -2.65
C GLY A 8 3.88 -6.51 -1.57
N MET A 9 3.95 -6.10 -0.30
CA MET A 9 3.10 -6.63 0.77
C MET A 9 1.66 -6.15 0.60
N SER A 10 0.70 -6.91 1.09
CA SER A 10 -0.73 -6.58 0.96
C SER A 10 -1.17 -5.48 1.94
N CYS A 11 -2.18 -4.70 1.53
CA CYS A 11 -2.61 -3.47 2.22
C CYS A 11 -4.05 -3.07 1.84
N GLU A 12 -4.52 -1.98 2.47
CA GLU A 12 -5.75 -1.26 2.12
C GLU A 12 -5.53 0.26 1.95
N GLU A 13 -4.41 0.81 2.41
CA GLU A 13 -4.17 2.26 2.45
C GLU A 13 -2.70 2.65 2.73
N ASN A 14 -2.36 3.91 2.44
CA ASN A 14 -1.11 4.58 2.78
C ASN A 14 -0.72 4.54 4.28
N GLN A 15 -1.68 4.35 5.20
CA GLN A 15 -1.40 4.14 6.63
C GLN A 15 -0.72 2.78 6.87
N GLN A 16 -1.34 1.71 6.36
CA GLN A 16 -0.87 0.33 6.49
C GLN A 16 0.40 0.07 5.68
N CYS A 17 0.50 0.67 4.48
CA CYS A 17 1.72 0.67 3.69
C CYS A 17 2.80 1.59 4.32
N CYS A 18 3.93 1.02 4.75
CA CYS A 18 5.06 1.76 5.33
C CYS A 18 5.65 2.80 4.35
N TRP A 19 5.42 2.58 3.06
CA TRP A 19 5.90 3.40 1.96
C TRP A 19 4.97 4.58 1.64
N ARG A 20 3.96 4.81 2.49
CA ARG A 20 2.98 5.91 2.43
C ARG A 20 2.23 6.00 1.10
N SER A 21 2.11 4.89 0.39
CA SER A 21 1.57 4.83 -0.97
C SER A 21 0.12 4.35 -1.04
N CYS A 22 -0.59 4.94 -2.00
CA CYS A 22 -1.98 4.65 -2.34
C CYS A 22 -2.09 3.20 -2.83
N CYS A 23 -3.08 2.47 -2.32
CA CYS A 23 -3.22 1.05 -2.65
C CYS A 23 -4.67 0.55 -2.63
N ARG A 24 -4.91 -0.48 -3.43
CA ARG A 24 -6.14 -1.31 -3.42
C ARG A 24 -5.89 -2.82 -3.47
N GLY A 25 -4.70 -3.26 -3.03
CA GLY A 25 -4.33 -4.67 -2.90
C GLY A 25 -2.91 -4.92 -2.40
N GLU A 26 -1.94 -4.15 -2.89
CA GLU A 26 -0.50 -4.27 -2.56
C GLU A 26 0.19 -2.91 -2.60
N CYS A 27 1.22 -2.70 -1.77
CA CYS A 27 1.96 -1.44 -1.73
C CYS A 27 2.75 -1.23 -3.03
N GLU A 28 2.41 -0.18 -3.78
CA GLU A 28 2.87 0.09 -5.15
C GLU A 28 2.98 1.60 -5.38
N ALA A 29 4.06 2.04 -6.04
CA ALA A 29 4.31 3.46 -6.27
C ALA A 29 3.23 4.17 -7.13
N PRO A 30 2.67 3.59 -8.21
CA PRO A 30 1.52 4.14 -8.91
C PRO A 30 0.18 3.65 -8.35
N CYS A 31 -0.88 4.45 -8.52
CA CYS A 31 -2.26 4.15 -8.08
C CYS A 31 -3.31 4.48 -9.16
N ARG A 32 -2.97 4.29 -10.45
CA ARG A 32 -3.74 4.74 -11.64
C ARG A 32 -5.00 3.89 -11.94
N PHE A 33 -5.68 3.42 -10.90
CA PHE A 33 -6.91 2.61 -10.98
C PHE A 33 -8.15 3.47 -11.29
N GLY A 34 -9.23 2.81 -11.75
CA GLY A 34 -10.56 3.41 -11.90
C GLY A 34 -11.32 3.55 -10.57
N PRO A 35 -12.66 3.40 -10.57
CA PRO A 35 -13.52 3.49 -9.38
C PRO A 35 -13.08 2.60 -8.22
N GLY A 1 1.75 -1.39 18.88
CA GLY A 1 1.21 -1.53 17.52
C GLY A 1 2.17 -2.28 16.62
N GLY A 2 1.66 -3.08 15.68
CA GLY A 2 2.44 -3.80 14.67
C GLY A 2 3.15 -2.87 13.68
N SER A 3 4.10 -3.41 12.90
CA SER A 3 4.88 -2.63 11.93
C SER A 3 4.11 -2.35 10.62
N CYS A 4 4.66 -1.47 9.79
CA CYS A 4 4.17 -1.13 8.46
C CYS A 4 4.40 -2.24 7.39
N ARG A 5 3.55 -2.33 6.36
CA ARG A 5 3.65 -3.31 5.25
C ARG A 5 4.70 -2.87 4.21
N THR A 6 5.63 -3.78 3.89
CA THR A 6 6.76 -3.57 2.94
C THR A 6 6.31 -3.54 1.47
N GLU A 7 7.22 -3.28 0.51
CA GLU A 7 6.88 -3.31 -0.93
C GLU A 7 6.21 -4.62 -1.37
N GLY A 8 5.12 -4.53 -2.12
CA GLY A 8 4.38 -5.69 -2.64
C GLY A 8 3.50 -6.42 -1.61
N MET A 9 3.66 -6.20 -0.30
CA MET A 9 2.79 -6.76 0.73
C MET A 9 1.35 -6.27 0.60
N SER A 10 0.39 -7.12 0.94
CA SER A 10 -1.04 -6.74 0.87
C SER A 10 -1.43 -5.70 1.92
N CYS A 11 -2.41 -4.88 1.58
CA CYS A 11 -2.77 -3.67 2.33
C CYS A 11 -4.17 -3.17 1.91
N GLU A 12 -4.66 -2.15 2.62
CA GLU A 12 -5.87 -1.41 2.25
C GLU A 12 -5.62 0.10 2.05
N GLU A 13 -4.48 0.66 2.51
CA GLU A 13 -4.22 2.09 2.46
C GLU A 13 -2.76 2.51 2.77
N ASN A 14 -2.44 3.75 2.40
CA ASN A 14 -1.21 4.48 2.62
C ASN A 14 -0.72 4.50 4.08
N GLN A 15 -1.62 4.48 5.07
CA GLN A 15 -1.23 4.41 6.48
C GLN A 15 -0.58 3.07 6.83
N GLN A 16 -1.23 1.97 6.42
CA GLN A 16 -0.76 0.59 6.61
C GLN A 16 0.53 0.31 5.82
N CYS A 17 0.63 0.86 4.61
CA CYS A 17 1.79 0.71 3.74
C CYS A 17 2.97 1.60 4.17
N CYS A 18 4.17 1.01 4.31
CA CYS A 18 5.37 1.74 4.75
C CYS A 18 5.91 2.76 3.75
N TRP A 19 5.40 2.69 2.51
CA TRP A 19 5.64 3.63 1.42
C TRP A 19 4.85 4.94 1.53
N ARG A 20 3.90 5.06 2.48
CA ARG A 20 3.01 6.23 2.63
C ARG A 20 2.33 6.60 1.30
N SER A 21 1.88 5.57 0.57
CA SER A 21 1.41 5.69 -0.81
C SER A 21 0.22 4.77 -1.10
N CYS A 22 -0.51 5.07 -2.17
CA CYS A 22 -1.74 4.39 -2.55
C CYS A 22 -1.56 2.89 -2.74
N CYS A 23 -2.60 2.13 -2.38
CA CYS A 23 -2.66 0.68 -2.51
C CYS A 23 -4.11 0.26 -2.69
N ARG A 24 -4.32 -0.71 -3.58
CA ARG A 24 -5.59 -1.39 -3.86
C ARG A 24 -5.44 -2.92 -3.93
N GLY A 25 -4.41 -3.43 -3.25
CA GLY A 25 -4.11 -4.86 -3.09
C GLY A 25 -2.66 -5.16 -2.73
N GLU A 26 -1.71 -4.26 -3.06
CA GLU A 26 -0.28 -4.35 -2.71
C GLU A 26 0.34 -2.96 -2.49
N CYS A 27 1.31 -2.81 -1.59
CA CYS A 27 1.97 -1.52 -1.36
C CYS A 27 2.78 -1.09 -2.60
N GLU A 28 2.39 0.03 -3.23
CA GLU A 28 2.89 0.50 -4.52
C GLU A 28 2.90 2.04 -4.58
N ALA A 29 3.39 2.64 -5.68
CA ALA A 29 3.38 4.09 -5.92
C ALA A 29 2.44 4.56 -7.08
N PRO A 30 2.37 3.92 -8.27
CA PRO A 30 1.40 4.27 -9.31
C PRO A 30 0.03 3.63 -9.00
N CYS A 31 -1.00 4.45 -8.83
CA CYS A 31 -2.33 4.03 -8.40
C CYS A 31 -3.15 3.53 -9.60
N ARG A 32 -3.17 2.21 -9.87
CA ARG A 32 -3.75 1.63 -11.10
C ARG A 32 -5.27 1.79 -11.22
N PHE A 33 -5.95 2.12 -10.12
CA PHE A 33 -7.42 2.20 -10.05
C PHE A 33 -7.99 3.57 -10.44
N GLY A 34 -9.18 3.54 -11.04
CA GLY A 34 -9.97 4.71 -11.43
C GLY A 34 -11.43 4.32 -11.80
N PRO A 35 -12.21 5.25 -12.39
CA PRO A 35 -13.52 4.96 -12.99
C PRO A 35 -13.36 4.21 -14.32
N GLY A 1 -3.20 -6.10 11.41
CA GLY A 1 -2.93 -4.99 12.36
C GLY A 1 -1.44 -4.89 12.66
N GLY A 2 -1.07 -4.07 13.65
CA GLY A 2 0.30 -3.97 14.16
C GLY A 2 1.25 -3.19 13.25
N SER A 3 2.35 -3.82 12.85
CA SER A 3 3.44 -3.17 12.09
C SER A 3 3.07 -2.84 10.64
N CYS A 4 3.70 -1.81 10.07
CA CYS A 4 3.51 -1.37 8.68
C CYS A 4 3.86 -2.47 7.63
N ARG A 5 3.38 -2.31 6.39
CA ARG A 5 3.56 -3.26 5.26
C ARG A 5 4.50 -2.73 4.18
N THR A 6 5.50 -3.53 3.78
CA THR A 6 6.58 -3.18 2.84
C THR A 6 6.13 -3.28 1.38
N GLU A 7 7.01 -2.95 0.42
CA GLU A 7 6.72 -3.05 -1.02
C GLU A 7 6.28 -4.47 -1.43
N GLY A 8 5.18 -4.55 -2.17
CA GLY A 8 4.58 -5.82 -2.61
C GLY A 8 3.75 -6.55 -1.55
N MET A 9 3.82 -6.18 -0.27
CA MET A 9 2.97 -6.75 0.79
C MET A 9 1.52 -6.28 0.65
N SER A 10 0.57 -7.09 1.13
CA SER A 10 -0.87 -6.76 1.11
C SER A 10 -1.27 -5.64 2.07
N CYS A 11 -2.30 -4.87 1.71
CA CYS A 11 -2.70 -3.62 2.37
C CYS A 11 -4.10 -3.17 1.93
N GLU A 12 -4.57 -2.06 2.52
CA GLU A 12 -5.76 -1.33 2.07
C GLU A 12 -5.56 0.20 1.99
N GLU A 13 -4.46 0.76 2.49
CA GLU A 13 -4.23 2.22 2.48
C GLU A 13 -2.78 2.64 2.81
N ASN A 14 -2.46 3.90 2.52
CA ASN A 14 -1.19 4.56 2.83
C ASN A 14 -0.81 4.48 4.33
N GLN A 15 -1.80 4.48 5.22
CA GLN A 15 -1.62 4.37 6.66
C GLN A 15 -1.01 3.01 7.07
N GLN A 16 -1.41 1.93 6.39
CA GLN A 16 -0.90 0.56 6.55
C GLN A 16 0.40 0.31 5.77
N CYS A 17 0.52 0.90 4.58
CA CYS A 17 1.70 0.77 3.72
C CYS A 17 2.88 1.64 4.19
N CYS A 18 4.01 1.03 4.54
CA CYS A 18 5.22 1.68 5.09
C CYS A 18 5.97 2.56 4.08
N TRP A 19 5.53 2.54 2.82
CA TRP A 19 5.98 3.43 1.74
C TRP A 19 5.05 4.65 1.57
N ARG A 20 4.03 4.80 2.44
CA ARG A 20 3.11 5.95 2.54
C ARG A 20 2.53 6.37 1.18
N SER A 21 2.08 5.38 0.41
CA SER A 21 1.39 5.58 -0.88
C SER A 21 0.15 4.70 -0.95
N CYS A 22 -0.74 5.03 -1.88
CA CYS A 22 -2.05 4.42 -2.05
C CYS A 22 -1.95 2.99 -2.57
N CYS A 23 -2.91 2.15 -2.19
CA CYS A 23 -2.89 0.74 -2.52
C CYS A 23 -4.28 0.17 -2.79
N ARG A 24 -4.38 -0.58 -3.90
CA ARG A 24 -5.57 -1.34 -4.29
C ARG A 24 -5.50 -2.85 -3.98
N GLY A 25 -4.47 -3.25 -3.23
CA GLY A 25 -4.24 -4.64 -2.80
C GLY A 25 -2.78 -4.94 -2.44
N GLU A 26 -1.79 -4.24 -3.02
CA GLU A 26 -0.37 -4.35 -2.72
C GLU A 26 0.30 -2.97 -2.60
N CYS A 27 1.24 -2.80 -1.67
CA CYS A 27 1.93 -1.53 -1.46
C CYS A 27 2.80 -1.17 -2.67
N GLU A 28 2.42 -0.09 -3.37
CA GLU A 28 3.04 0.35 -4.64
C GLU A 28 3.16 1.89 -4.66
N ALA A 29 4.26 2.41 -5.20
CA ALA A 29 4.49 3.86 -5.25
C ALA A 29 3.49 4.59 -6.18
N PRO A 30 3.36 4.22 -7.48
CA PRO A 30 2.28 4.72 -8.32
C PRO A 30 0.92 4.16 -7.90
N CYS A 31 -0.15 4.93 -8.12
CA CYS A 31 -1.53 4.55 -7.82
C CYS A 31 -2.38 4.53 -9.11
N ARG A 32 -1.81 4.00 -10.20
CA ARG A 32 -2.33 4.10 -11.58
C ARG A 32 -2.37 2.75 -12.31
N PHE A 33 -2.14 1.64 -11.61
CA PHE A 33 -1.90 0.30 -12.15
C PHE A 33 -0.64 0.16 -13.03
N GLY A 34 0.37 1.00 -12.75
CA GLY A 34 1.70 0.91 -13.36
C GLY A 34 2.49 2.23 -13.37
N PRO A 35 3.83 2.20 -13.51
CA PRO A 35 4.66 3.39 -13.76
C PRO A 35 4.43 4.03 -15.14
N GLY A 1 9.00 -3.95 16.47
CA GLY A 1 9.27 -2.91 15.46
C GLY A 1 7.97 -2.27 15.00
N GLY A 2 7.98 -1.58 13.85
CA GLY A 2 6.79 -0.89 13.33
C GLY A 2 5.87 -1.82 12.54
N SER A 3 4.58 -1.84 12.86
CA SER A 3 3.56 -2.68 12.19
C SER A 3 3.08 -2.13 10.84
N CYS A 4 4.01 -1.79 9.95
CA CYS A 4 3.76 -1.40 8.56
C CYS A 4 4.07 -2.54 7.58
N ARG A 5 3.41 -2.56 6.42
CA ARG A 5 3.71 -3.46 5.28
C ARG A 5 4.84 -2.91 4.39
N THR A 6 5.79 -3.76 3.98
CA THR A 6 6.85 -3.43 3.00
C THR A 6 6.31 -3.39 1.55
N GLU A 7 7.12 -3.03 0.56
CA GLU A 7 6.69 -2.98 -0.84
C GLU A 7 6.14 -4.33 -1.34
N GLY A 8 5.05 -4.29 -2.12
CA GLY A 8 4.39 -5.46 -2.72
C GLY A 8 3.57 -6.33 -1.76
N MET A 9 3.66 -6.08 -0.44
CA MET A 9 2.82 -6.75 0.55
C MET A 9 1.35 -6.32 0.46
N SER A 10 0.42 -7.22 0.79
CA SER A 10 -1.03 -6.94 0.78
C SER A 10 -1.43 -6.01 1.92
N CYS A 11 -2.34 -5.07 1.63
CA CYS A 11 -2.69 -3.90 2.44
C CYS A 11 -4.11 -3.41 2.10
N GLU A 12 -4.55 -2.34 2.76
CA GLU A 12 -5.78 -1.60 2.43
C GLU A 12 -5.55 -0.10 2.15
N GLU A 13 -4.41 0.50 2.54
CA GLU A 13 -4.20 1.96 2.44
C GLU A 13 -2.74 2.40 2.62
N ASN A 14 -2.41 3.63 2.19
CA ASN A 14 -1.16 4.35 2.44
C ASN A 14 -0.71 4.26 3.90
N GLN A 15 -1.58 4.50 4.88
CA GLN A 15 -1.20 4.54 6.29
C GLN A 15 -0.78 3.18 6.85
N GLN A 16 -1.24 2.07 6.26
CA GLN A 16 -0.78 0.70 6.55
C GLN A 16 0.53 0.35 5.84
N CYS A 17 0.72 0.89 4.64
CA CYS A 17 1.90 0.70 3.79
C CYS A 17 3.07 1.61 4.25
N CYS A 18 4.28 1.08 4.45
CA CYS A 18 5.42 1.86 4.94
C CYS A 18 5.91 2.92 3.93
N TRP A 19 5.45 2.86 2.68
CA TRP A 19 5.70 3.89 1.65
C TRP A 19 4.80 5.13 1.79
N ARG A 20 3.75 5.10 2.63
CA ARG A 20 2.70 6.13 2.71
C ARG A 20 2.13 6.47 1.31
N SER A 21 1.92 5.44 0.49
CA SER A 21 1.53 5.54 -0.92
C SER A 21 0.37 4.61 -1.26
N CYS A 22 -0.29 4.89 -2.38
CA CYS A 22 -1.42 4.16 -2.96
C CYS A 22 -1.33 2.63 -2.80
N CYS A 23 -2.45 2.03 -2.41
CA CYS A 23 -2.58 0.59 -2.35
C CYS A 23 -4.05 0.23 -2.57
N ARG A 24 -4.31 -0.47 -3.68
CA ARG A 24 -5.61 -1.07 -4.04
C ARG A 24 -5.70 -2.56 -3.72
N GLY A 25 -4.60 -3.13 -3.22
CA GLY A 25 -4.44 -4.53 -2.85
C GLY A 25 -2.99 -4.93 -2.52
N GLU A 26 -2.00 -4.16 -2.99
CA GLU A 26 -0.57 -4.27 -2.67
C GLU A 26 0.08 -2.88 -2.54
N CYS A 27 1.11 -2.73 -1.69
CA CYS A 27 1.82 -1.46 -1.49
C CYS A 27 2.56 -1.01 -2.76
N GLU A 28 2.13 0.11 -3.37
CA GLU A 28 2.65 0.57 -4.67
C GLU A 28 2.89 2.09 -4.75
N ALA A 29 3.71 2.51 -5.73
CA ALA A 29 3.89 3.90 -6.13
C ALA A 29 2.81 4.37 -7.14
N PRO A 30 2.54 3.65 -8.25
CA PRO A 30 1.42 3.96 -9.13
C PRO A 30 0.07 3.60 -8.48
N CYS A 31 -0.93 4.46 -8.68
CA CYS A 31 -2.26 4.33 -8.10
C CYS A 31 -3.21 3.60 -9.06
N ARG A 32 -3.54 2.35 -8.77
CA ARG A 32 -4.39 1.47 -9.60
C ARG A 32 -5.89 1.65 -9.34
N PHE A 33 -6.34 2.90 -9.26
CA PHE A 33 -7.74 3.28 -8.96
C PHE A 33 -8.72 2.76 -10.03
N GLY A 34 -9.95 2.44 -9.62
CA GLY A 34 -11.01 2.03 -10.57
C GLY A 34 -12.34 1.63 -9.89
N PRO A 35 -13.46 1.71 -10.61
CA PRO A 35 -14.79 1.32 -10.11
C PRO A 35 -14.89 -0.19 -9.85
N GLY A 1 5.08 4.15 12.44
CA GLY A 1 4.28 3.87 13.65
C GLY A 1 3.22 2.82 13.38
N GLY A 2 3.01 1.92 14.34
CA GLY A 2 2.07 0.79 14.24
C GLY A 2 2.48 -0.33 13.27
N SER A 3 1.67 -1.40 13.17
CA SER A 3 1.86 -2.51 12.23
C SER A 3 1.77 -2.04 10.77
N CYS A 4 2.81 -2.26 9.97
CA CYS A 4 2.91 -1.73 8.60
C CYS A 4 3.64 -2.66 7.60
N ARG A 5 3.34 -2.50 6.31
CA ARG A 5 3.81 -3.36 5.20
C ARG A 5 4.76 -2.66 4.20
N THR A 6 5.68 -3.43 3.61
CA THR A 6 6.72 -3.01 2.63
C THR A 6 6.20 -3.06 1.19
N GLU A 7 7.01 -2.67 0.20
CA GLU A 7 6.63 -2.68 -1.23
C GLU A 7 6.16 -4.07 -1.72
N GLY A 8 4.96 -4.13 -2.30
CA GLY A 8 4.34 -5.36 -2.82
C GLY A 8 3.68 -6.28 -1.78
N MET A 9 3.81 -5.95 -0.49
CA MET A 9 3.06 -6.60 0.59
C MET A 9 1.60 -6.11 0.61
N SER A 10 0.71 -6.88 1.23
CA SER A 10 -0.73 -6.63 1.23
C SER A 10 -1.19 -5.51 2.15
N CYS A 11 -2.19 -4.75 1.70
CA CYS A 11 -2.62 -3.49 2.31
C CYS A 11 -4.02 -3.06 1.88
N GLU A 12 -4.53 -2.03 2.57
CA GLU A 12 -5.75 -1.31 2.19
C GLU A 12 -5.49 0.13 1.70
N GLU A 13 -4.39 0.78 2.14
CA GLU A 13 -4.08 2.20 1.88
C GLU A 13 -2.69 2.60 2.41
N ASN A 14 -2.22 3.81 2.06
CA ASN A 14 -0.98 4.45 2.53
C ASN A 14 -0.73 4.38 4.06
N GLN A 15 -1.77 4.38 4.89
CA GLN A 15 -1.64 4.30 6.35
C GLN A 15 -1.24 2.89 6.86
N GLN A 16 -1.55 1.83 6.11
CA GLN A 16 -1.07 0.46 6.37
C GLN A 16 0.29 0.18 5.68
N CYS A 17 0.51 0.77 4.51
CA CYS A 17 1.76 0.69 3.77
C CYS A 17 2.83 1.60 4.41
N CYS A 18 3.88 1.04 5.02
CA CYS A 18 4.96 1.82 5.66
C CYS A 18 5.71 2.74 4.66
N TRP A 19 5.52 2.48 3.36
CA TRP A 19 6.01 3.28 2.24
C TRP A 19 5.19 4.56 1.98
N ARG A 20 4.11 4.80 2.73
CA ARG A 20 3.14 5.90 2.55
C ARG A 20 2.49 5.89 1.15
N SER A 21 2.43 4.72 0.51
CA SER A 21 2.06 4.55 -0.89
C SER A 21 0.61 4.10 -1.11
N CYS A 22 -0.01 4.61 -2.17
CA CYS A 22 -1.42 4.36 -2.50
C CYS A 22 -1.64 2.89 -2.89
N CYS A 23 -2.73 2.29 -2.41
CA CYS A 23 -2.95 0.87 -2.53
C CYS A 23 -4.45 0.48 -2.51
N ARG A 24 -4.75 -0.57 -3.29
CA ARG A 24 -6.02 -1.32 -3.27
C ARG A 24 -5.83 -2.84 -3.17
N GLY A 25 -4.64 -3.28 -2.78
CA GLY A 25 -4.27 -4.70 -2.65
C GLY A 25 -2.78 -4.93 -2.37
N GLU A 26 -1.90 -4.16 -3.01
CA GLU A 26 -0.43 -4.22 -2.81
C GLU A 26 0.19 -2.82 -2.71
N CYS A 27 1.18 -2.63 -1.83
CA CYS A 27 1.85 -1.33 -1.66
C CYS A 27 2.63 -0.92 -2.93
N GLU A 28 2.17 0.13 -3.63
CA GLU A 28 2.67 0.49 -4.98
C GLU A 28 2.82 2.00 -5.20
N ALA A 29 3.81 2.41 -6.00
CA ALA A 29 3.98 3.78 -6.47
C ALA A 29 2.81 4.27 -7.35
N PRO A 30 2.40 3.56 -8.44
CA PRO A 30 1.17 3.85 -9.16
C PRO A 30 -0.07 3.44 -8.36
N CYS A 31 -1.11 4.26 -8.42
CA CYS A 31 -2.39 3.99 -7.77
C CYS A 31 -3.27 3.11 -8.67
N ARG A 32 -3.26 1.79 -8.45
CA ARG A 32 -3.88 0.73 -9.28
C ARG A 32 -5.43 0.71 -9.26
N PHE A 33 -6.07 1.84 -8.98
CA PHE A 33 -7.51 1.99 -8.84
C PHE A 33 -8.30 1.76 -10.13
N GLY A 34 -9.61 1.51 -9.99
CA GLY A 34 -10.55 1.33 -11.09
C GLY A 34 -11.95 0.96 -10.57
N PRO A 35 -12.47 -0.26 -10.81
CA PRO A 35 -13.76 -0.74 -10.31
C PRO A 35 -13.77 -0.94 -8.79
N GLY A 1 -4.49 -1.93 12.40
CA GLY A 1 -3.14 -1.36 12.45
C GLY A 1 -2.05 -2.43 12.40
N GLY A 2 -1.60 -2.90 13.57
CA GLY A 2 -0.48 -3.85 13.72
C GLY A 2 0.87 -3.23 13.33
N SER A 3 1.75 -4.01 12.69
CA SER A 3 2.98 -3.49 12.06
C SER A 3 2.71 -3.00 10.63
N CYS A 4 3.58 -2.13 10.08
CA CYS A 4 3.43 -1.64 8.71
C CYS A 4 3.68 -2.75 7.66
N ARG A 5 3.29 -2.50 6.41
CA ARG A 5 3.45 -3.39 5.25
C ARG A 5 4.51 -2.85 4.27
N THR A 6 5.46 -3.69 3.90
CA THR A 6 6.61 -3.34 3.05
C THR A 6 6.22 -3.28 1.55
N GLU A 7 7.14 -2.91 0.67
CA GLU A 7 6.92 -2.93 -0.80
C GLU A 7 6.41 -4.29 -1.30
N GLY A 8 5.34 -4.28 -2.10
CA GLY A 8 4.71 -5.48 -2.67
C GLY A 8 3.92 -6.34 -1.67
N MET A 9 3.94 -6.02 -0.37
CA MET A 9 3.06 -6.65 0.62
C MET A 9 1.60 -6.20 0.45
N SER A 10 0.66 -7.01 0.93
CA SER A 10 -0.76 -6.70 0.93
C SER A 10 -1.16 -5.56 1.89
N CYS A 11 -2.16 -4.77 1.49
CA CYS A 11 -2.56 -3.52 2.17
C CYS A 11 -3.97 -3.08 1.76
N GLU A 12 -4.46 -2.00 2.38
CA GLU A 12 -5.68 -1.29 1.96
C GLU A 12 -5.52 0.25 1.90
N GLU A 13 -4.36 0.82 2.27
CA GLU A 13 -4.08 2.26 2.27
C GLU A 13 -2.61 2.63 2.62
N ASN A 14 -2.23 3.88 2.34
CA ASN A 14 -0.98 4.54 2.76
C ASN A 14 -0.71 4.45 4.27
N GLN A 15 -1.75 4.50 5.12
CA GLN A 15 -1.63 4.41 6.59
C GLN A 15 -1.34 2.98 7.11
N GLN A 16 -1.27 2.00 6.21
CA GLN A 16 -0.83 0.63 6.45
C GLN A 16 0.50 0.32 5.72
N CYS A 17 0.64 0.81 4.49
CA CYS A 17 1.86 0.71 3.69
C CYS A 17 3.00 1.59 4.25
N CYS A 18 4.16 1.00 4.55
CA CYS A 18 5.30 1.68 5.23
C CYS A 18 5.99 2.73 4.35
N TRP A 19 5.70 2.74 3.05
CA TRP A 19 6.15 3.72 2.06
C TRP A 19 5.05 4.77 1.76
N ARG A 20 3.97 4.79 2.58
CA ARG A 20 2.81 5.69 2.52
C ARG A 20 2.25 5.86 1.10
N SER A 21 2.17 4.76 0.36
CA SER A 21 1.66 4.68 -1.00
C SER A 21 0.16 4.37 -1.05
N CYS A 22 -0.51 4.95 -2.04
CA CYS A 22 -1.90 4.67 -2.37
C CYS A 22 -2.01 3.19 -2.78
N CYS A 23 -2.97 2.46 -2.21
CA CYS A 23 -3.14 1.04 -2.49
C CYS A 23 -4.60 0.58 -2.40
N ARG A 24 -4.91 -0.44 -3.21
CA ARG A 24 -6.13 -1.26 -3.20
C ARG A 24 -5.82 -2.73 -3.54
N GLY A 25 -4.73 -3.23 -2.94
CA GLY A 25 -4.28 -4.62 -3.03
C GLY A 25 -2.88 -4.80 -2.44
N GLU A 26 -1.87 -4.17 -3.05
CA GLU A 26 -0.45 -4.32 -2.71
C GLU A 26 0.30 -2.96 -2.69
N CYS A 27 1.29 -2.79 -1.80
CA CYS A 27 1.99 -1.52 -1.61
C CYS A 27 2.85 -1.15 -2.83
N GLU A 28 2.37 -0.23 -3.67
CA GLU A 28 2.93 0.11 -4.98
C GLU A 28 2.77 1.60 -5.32
N ALA A 29 3.71 2.16 -6.10
CA ALA A 29 3.63 3.53 -6.59
C ALA A 29 2.39 3.78 -7.50
N PRO A 30 2.12 2.97 -8.55
CA PRO A 30 0.85 3.04 -9.28
C PRO A 30 -0.31 2.56 -8.40
N CYS A 31 -1.44 3.28 -8.46
CA CYS A 31 -2.64 3.03 -7.66
C CYS A 31 -3.88 3.01 -8.56
N ARG A 32 -4.55 1.86 -8.66
CA ARG A 32 -5.60 1.57 -9.65
C ARG A 32 -7.00 1.93 -9.15
N PHE A 33 -7.31 3.23 -9.18
CA PHE A 33 -8.65 3.78 -9.02
C PHE A 33 -9.12 4.43 -10.33
N GLY A 34 -10.11 3.83 -10.97
CA GLY A 34 -10.58 4.22 -12.31
C GLY A 34 -9.64 3.78 -13.44
N PRO A 35 -9.78 4.35 -14.65
CA PRO A 35 -9.02 4.00 -15.86
C PRO A 35 -7.49 4.02 -15.70
#